data_4R3W
#
_entry.id   4R3W
#
_cell.length_a   59.964
_cell.length_b   98.444
_cell.length_c   64.263
_cell.angle_alpha   90.00
_cell.angle_beta   102.43
_cell.angle_gamma   90.00
#
_symmetry.space_group_name_H-M   'P 1 21 1'
#
loop_
_entity.id
_entity.type
_entity.pdbx_description
1 polymer 'Aspartate-semialdehyde dehydrogenase'
2 non-polymer 'SODIUM ION'
3 non-polymer 'benzene-1,2,3-tricarboxylic acid'
4 non-polymer 1,2-ETHANEDIOL
5 non-polymer 'ACETATE ION'
6 non-polymer "ADENOSINE-2'-5'-DIPHOSPHATE"
7 water water
#
_entity_poly.entity_id   1
_entity_poly.type   'polypeptide(L)'
_entity_poly.pdbx_seq_one_letter_code
;MGYTVAVVGATGAVGAQMIKMLEESTLPIDKIRYLASARSAGKSLKFKDQDITIEETTETAFEGVDIALFSAGSSTSAKY
APYAVKAGVVVVDNTSYFRQNPDVPLVVPEVNAHALDAHNGIIACPNCSTIQMMVALEPVRQKWGLDRIIVSTYQAVSGA
GMGAILETQRELREVLNDGVKPCDLHAEILPSGGDKKHYPIAFNALPQIDVFTDNDYTYEEMKMTKETKKIMEDDSIAVS
ATCVRIPVLSAHSESVYIETKEVAPIEEVKAAIAAFPGAVLEDDVAHQIYPQAINAVGSRDTFVGRIRKDLDAEKGIHMW
VVSDNLLKGAAWNSVQIAETLHERGLVRPTAELKFELKLEHHHHHH
;
_entity_poly.pdbx_strand_id   A,B
#
# COMPACT_ATOMS: atom_id res chain seq x y z
N GLY A 2 -31.20 -23.35 -22.40
CA GLY A 2 -29.95 -23.10 -21.64
C GLY A 2 -28.87 -22.74 -22.62
N TYR A 3 -27.68 -22.42 -22.11
CA TYR A 3 -26.57 -21.99 -22.96
C TYR A 3 -25.45 -23.02 -22.97
N THR A 4 -24.66 -22.98 -24.03
CA THR A 4 -23.32 -23.55 -23.99
C THR A 4 -22.37 -22.44 -23.59
N VAL A 5 -21.63 -22.65 -22.51
CA VAL A 5 -20.69 -21.68 -21.96
C VAL A 5 -19.31 -22.25 -22.00
N ALA A 6 -18.37 -21.49 -22.56
CA ALA A 6 -16.95 -21.85 -22.53
C ALA A 6 -16.15 -20.94 -21.61
N VAL A 7 -15.20 -21.52 -20.90
CA VAL A 7 -14.28 -20.77 -20.05
C VAL A 7 -12.89 -20.93 -20.66
N VAL A 8 -12.37 -19.85 -21.21
CA VAL A 8 -11.03 -19.81 -21.76
C VAL A 8 -10.02 -19.38 -20.70
N GLY A 9 -9.05 -20.24 -20.46
CA GLY A 9 -8.13 -20.12 -19.32
C GLY A 9 -8.74 -20.77 -18.06
N ALA A 10 -9.35 -21.94 -18.20
CA ALA A 10 -10.05 -22.59 -17.08
C ALA A 10 -9.11 -23.03 -15.94
N THR A 11 -7.85 -23.32 -16.28
CA THR A 11 -6.86 -23.81 -15.34
C THR A 11 -6.15 -22.73 -14.53
N GLY A 12 -6.31 -21.46 -14.91
CA GLY A 12 -5.59 -20.36 -14.24
C GLY A 12 -6.23 -19.91 -12.93
N ALA A 13 -5.63 -18.89 -12.30
CA ALA A 13 -6.12 -18.37 -11.01
C ALA A 13 -7.53 -17.79 -11.13
N VAL A 14 -7.73 -16.98 -12.16
CA VAL A 14 -9.04 -16.43 -12.45
C VAL A 14 -9.98 -17.52 -12.92
N GLY A 15 -9.50 -18.38 -13.82
CA GLY A 15 -10.30 -19.46 -14.32
C GLY A 15 -10.95 -20.32 -13.25
N ALA A 16 -10.17 -20.69 -12.23
CA ALA A 16 -10.68 -21.45 -11.09
C ALA A 16 -11.88 -20.73 -10.44
N GLN A 17 -11.77 -19.41 -10.31
CA GLN A 17 -12.86 -18.64 -9.73
C GLN A 17 -14.01 -18.48 -10.72
N MET A 18 -13.70 -18.37 -12.00
CA MET A 18 -14.75 -18.38 -13.03
C MET A 18 -15.63 -19.63 -12.93
N ILE A 19 -15.00 -20.77 -12.69
CA ILE A 19 -15.73 -22.02 -12.50
C ILE A 19 -16.64 -21.94 -11.29
N LYS A 20 -16.10 -21.55 -10.14
CA LYS A 20 -16.92 -21.35 -8.93
C LYS A 20 -18.10 -20.40 -9.13
N MET A 21 -17.83 -19.22 -9.69
CA MET A 21 -18.89 -18.26 -9.97
C MET A 21 -19.93 -18.84 -10.93
N LEU A 22 -19.50 -19.57 -11.97
CA LEU A 22 -20.45 -20.25 -12.85
C LEU A 22 -21.24 -21.33 -12.14
N GLU A 23 -20.57 -22.15 -11.35
CA GLU A 23 -21.28 -23.16 -10.53
C GLU A 23 -22.37 -22.56 -9.65
N GLU A 24 -22.16 -21.33 -9.18
CA GLU A 24 -23.11 -20.68 -8.28
C GLU A 24 -23.98 -19.67 -8.98
N SER A 25 -23.96 -19.69 -10.31
CA SER A 25 -24.64 -18.74 -11.17
C SER A 25 -26.16 -18.99 -11.31
N THR A 26 -26.87 -17.96 -11.75
CA THR A 26 -28.29 -18.06 -12.15
C THR A 26 -28.41 -18.26 -13.67
N LEU A 27 -27.29 -18.48 -14.32
CA LEU A 27 -27.27 -18.68 -15.76
C LEU A 27 -27.78 -20.09 -16.03
N PRO A 28 -28.74 -20.25 -16.98
CA PRO A 28 -29.17 -21.61 -17.32
C PRO A 28 -28.17 -22.26 -18.24
N ILE A 29 -27.36 -23.17 -17.71
CA ILE A 29 -26.27 -23.73 -18.48
C ILE A 29 -26.58 -25.16 -18.88
N ASP A 30 -26.68 -25.42 -20.18
CA ASP A 30 -26.89 -26.78 -20.69
C ASP A 30 -25.58 -27.54 -20.83
N LYS A 31 -24.51 -26.84 -21.17
CA LYS A 31 -23.23 -27.46 -21.46
C LYS A 31 -22.04 -26.55 -21.12
N ILE A 32 -21.02 -27.10 -20.46
CA ILE A 32 -19.81 -26.37 -20.08
C ILE A 32 -18.62 -26.90 -20.86
N ARG A 33 -17.77 -26.00 -21.31
CA ARG A 33 -16.53 -26.36 -22.01
C ARG A 33 -15.36 -25.61 -21.39
N TYR A 34 -14.28 -26.32 -21.10
CA TYR A 34 -13.10 -25.72 -20.52
C TYR A 34 -11.98 -25.70 -21.54
N LEU A 35 -11.43 -24.51 -21.77
CA LEU A 35 -10.41 -24.30 -22.79
C LEU A 35 -9.16 -23.74 -22.14
N ALA A 36 -8.01 -24.16 -22.65
CA ALA A 36 -6.74 -23.70 -22.14
C ALA A 36 -5.69 -23.84 -23.23
N SER A 37 -4.42 -24.01 -22.88
CA SER A 37 -3.39 -24.23 -23.90
C SER A 37 -3.34 -25.71 -24.30
N ALA A 38 -2.53 -26.02 -25.31
CA ALA A 38 -2.28 -27.42 -25.68
C ALA A 38 -1.81 -28.25 -24.48
N ARG A 39 -1.01 -27.66 -23.60
CA ARG A 39 -0.46 -28.37 -22.44
C ARG A 39 -1.50 -29.00 -21.52
N SER A 40 -2.61 -28.29 -21.30
CA SER A 40 -3.68 -28.81 -20.44
C SER A 40 -4.70 -29.66 -21.18
N ALA A 41 -4.79 -29.53 -22.50
CA ALA A 41 -5.76 -30.27 -23.30
C ALA A 41 -5.63 -31.76 -23.03
N GLY A 42 -6.75 -32.43 -22.76
CA GLY A 42 -6.73 -33.83 -22.39
C GLY A 42 -6.84 -34.04 -20.90
N LYS A 43 -6.34 -33.11 -20.09
CA LYS A 43 -6.52 -33.20 -18.64
C LYS A 43 -7.97 -32.94 -18.28
N SER A 44 -8.35 -33.23 -17.04
CA SER A 44 -9.75 -33.11 -16.64
C SER A 44 -9.91 -32.19 -15.44
N LEU A 45 -11.12 -31.65 -15.28
CA LEU A 45 -11.39 -30.67 -14.24
C LEU A 45 -12.87 -30.75 -13.95
N LYS A 46 -13.26 -30.48 -12.71
CA LYS A 46 -14.66 -30.60 -12.31
C LYS A 46 -15.53 -29.40 -12.74
N PHE A 47 -16.79 -29.67 -13.06
CA PHE A 47 -17.88 -28.68 -12.96
C PHE A 47 -18.98 -29.32 -12.14
N LYS A 48 -19.16 -28.81 -10.92
CA LYS A 48 -19.92 -29.50 -9.90
C LYS A 48 -19.39 -30.95 -9.85
N ASP A 49 -20.24 -31.95 -10.08
CA ASP A 49 -19.77 -33.34 -10.00
C ASP A 49 -19.20 -33.88 -11.32
N GLN A 50 -19.51 -33.23 -12.43
CA GLN A 50 -19.10 -33.73 -13.74
C GLN A 50 -17.62 -33.46 -14.04
N ASP A 51 -16.94 -34.47 -14.58
CA ASP A 51 -15.57 -34.35 -15.06
C ASP A 51 -15.63 -33.76 -16.46
N ILE A 52 -14.90 -32.67 -16.68
CA ILE A 52 -14.91 -31.98 -17.94
C ILE A 52 -13.51 -32.08 -18.48
N THR A 53 -13.39 -32.53 -19.73
CA THR A 53 -12.10 -32.65 -20.37
C THR A 53 -11.72 -31.30 -20.97
N ILE A 54 -10.52 -30.86 -20.68
CA ILE A 54 -10.06 -29.56 -21.12
C ILE A 54 -9.63 -29.63 -22.57
N GLU A 55 -9.94 -28.59 -23.33
CA GLU A 55 -9.61 -28.55 -24.73
C GLU A 55 -8.59 -27.48 -25.04
N GLU A 56 -7.94 -27.64 -26.18
CA GLU A 56 -7.06 -26.64 -26.72
C GLU A 56 -7.84 -25.45 -27.29
N THR A 57 -7.42 -24.23 -26.97
CA THR A 57 -8.03 -23.06 -27.56
C THR A 57 -7.48 -22.89 -28.97
N THR A 58 -8.36 -22.88 -29.96
CA THR A 58 -7.99 -22.64 -31.35
C THR A 58 -9.04 -21.79 -32.06
N GLU A 59 -8.73 -21.37 -33.29
CA GLU A 59 -9.69 -20.66 -34.17
C GLU A 59 -11.01 -21.37 -34.37
N THR A 60 -11.02 -22.70 -34.22
CA THR A 60 -12.18 -23.57 -34.52
C THR A 60 -12.87 -24.12 -33.26
N ALA A 61 -12.42 -23.68 -32.08
CA ALA A 61 -12.91 -24.26 -30.85
C ALA A 61 -14.31 -23.79 -30.40
N PHE A 62 -14.88 -22.75 -31.03
CA PHE A 62 -16.10 -22.09 -30.50
C PHE A 62 -17.43 -22.44 -31.15
N GLU A 63 -17.45 -23.49 -31.98
CA GLU A 63 -18.69 -23.91 -32.65
C GLU A 63 -19.69 -24.36 -31.63
N GLY A 64 -20.91 -23.85 -31.73
CA GLY A 64 -21.98 -24.17 -30.82
C GLY A 64 -21.94 -23.42 -29.48
N VAL A 65 -20.95 -22.56 -29.27
CA VAL A 65 -20.83 -21.86 -27.98
C VAL A 65 -21.65 -20.57 -28.01
N ASP A 66 -22.44 -20.36 -26.98
CA ASP A 66 -23.27 -19.15 -26.87
C ASP A 66 -22.50 -18.01 -26.19
N ILE A 67 -21.77 -18.36 -25.12
CA ILE A 67 -21.06 -17.40 -24.28
C ILE A 67 -19.70 -17.95 -23.93
N ALA A 68 -18.67 -17.14 -24.16
CA ALA A 68 -17.31 -17.48 -23.76
C ALA A 68 -16.75 -16.45 -22.78
N LEU A 69 -16.24 -16.92 -21.66
CA LEU A 69 -15.58 -16.04 -20.71
C LEU A 69 -14.05 -16.23 -20.85
N PHE A 70 -13.35 -15.19 -21.25
CA PHE A 70 -11.91 -15.24 -21.48
C PHE A 70 -11.15 -14.74 -20.27
N SER A 71 -10.27 -15.57 -19.75
CA SER A 71 -9.26 -15.09 -18.83
C SER A 71 -7.94 -15.81 -18.99
N ALA A 72 -7.31 -15.62 -20.15
CA ALA A 72 -6.09 -16.32 -20.47
C ALA A 72 -4.99 -15.40 -21.02
N GLY A 73 -5.02 -14.14 -20.58
CA GLY A 73 -4.05 -13.15 -20.97
C GLY A 73 -4.49 -12.46 -22.24
N SER A 74 -4.01 -11.23 -22.41
CA SER A 74 -4.39 -10.36 -23.52
C SER A 74 -4.08 -10.93 -24.88
N SER A 75 -2.93 -11.58 -25.00
N SER A 75 -2.94 -11.59 -25.02
CA SER A 75 -2.51 -12.20 -26.25
CA SER A 75 -2.55 -12.18 -26.29
C SER A 75 -3.49 -13.30 -26.71
C SER A 75 -3.50 -13.30 -26.73
N THR A 76 -4.02 -14.08 -25.76
CA THR A 76 -4.99 -15.12 -26.07
C THR A 76 -6.33 -14.51 -26.53
N SER A 77 -6.76 -13.42 -25.88
CA SER A 77 -8.00 -12.74 -26.28
C SER A 77 -7.84 -12.11 -27.68
N ALA A 78 -6.67 -11.54 -27.94
CA ALA A 78 -6.35 -10.96 -29.24
C ALA A 78 -6.38 -11.99 -30.38
N LYS A 79 -5.82 -13.17 -30.12
CA LYS A 79 -5.81 -14.25 -31.12
C LYS A 79 -7.20 -14.83 -31.37
N TYR A 80 -7.94 -15.14 -30.31
CA TYR A 80 -9.10 -16.04 -30.45
C TYR A 80 -10.48 -15.41 -30.27
N ALA A 81 -10.58 -14.35 -29.46
CA ALA A 81 -11.90 -13.75 -29.25
C ALA A 81 -12.57 -13.33 -30.57
N PRO A 82 -11.82 -12.68 -31.48
CA PRO A 82 -12.44 -12.32 -32.77
C PRO A 82 -13.01 -13.52 -33.55
N TYR A 83 -12.35 -14.67 -33.47
CA TYR A 83 -12.86 -15.89 -34.08
C TYR A 83 -14.14 -16.39 -33.38
N ALA A 84 -14.22 -16.25 -32.06
CA ALA A 84 -15.42 -16.65 -31.33
C ALA A 84 -16.63 -15.77 -31.73
N VAL A 85 -16.42 -14.46 -31.78
CA VAL A 85 -17.44 -13.52 -32.27
C VAL A 85 -17.88 -13.90 -33.70
N LYS A 86 -16.93 -14.10 -34.60
CA LYS A 86 -17.24 -14.52 -35.97
C LYS A 86 -18.10 -15.79 -35.97
N ALA A 87 -17.85 -16.69 -35.03
CA ALA A 87 -18.63 -17.91 -34.92
C ALA A 87 -20.02 -17.70 -34.28
N GLY A 88 -20.28 -16.54 -33.71
CA GLY A 88 -21.60 -16.25 -33.13
C GLY A 88 -21.62 -16.23 -31.61
N VAL A 89 -20.44 -16.24 -30.99
CA VAL A 89 -20.36 -16.25 -29.54
C VAL A 89 -20.49 -14.81 -29.05
N VAL A 90 -21.08 -14.61 -27.88
CA VAL A 90 -20.88 -13.37 -27.12
C VAL A 90 -19.75 -13.60 -26.11
N VAL A 91 -18.69 -12.82 -26.25
CA VAL A 91 -17.49 -12.94 -25.42
C VAL A 91 -17.49 -11.93 -24.27
N VAL A 92 -17.22 -12.40 -23.06
CA VAL A 92 -16.95 -11.50 -21.96
C VAL A 92 -15.46 -11.64 -21.70
N ASP A 93 -14.70 -10.57 -21.98
CA ASP A 93 -13.24 -10.61 -21.88
C ASP A 93 -12.70 -9.95 -20.60
N ASN A 94 -11.90 -10.69 -19.82
CA ASN A 94 -11.24 -10.12 -18.66
C ASN A 94 -10.00 -9.28 -18.92
N THR A 95 -9.42 -9.38 -20.11
CA THR A 95 -8.11 -8.80 -20.39
C THR A 95 -8.21 -7.35 -20.80
N SER A 96 -7.06 -6.70 -20.92
CA SER A 96 -6.98 -5.30 -21.30
C SER A 96 -7.15 -5.07 -22.80
N TYR A 97 -7.10 -6.13 -23.58
CA TYR A 97 -6.86 -5.97 -25.02
C TYR A 97 -7.93 -5.14 -25.73
N PHE A 98 -9.21 -5.37 -25.41
CA PHE A 98 -10.30 -4.67 -26.07
C PHE A 98 -10.94 -3.53 -25.26
N ARG A 99 -10.38 -3.22 -24.09
CA ARG A 99 -11.08 -2.32 -23.17
C ARG A 99 -11.29 -0.90 -23.71
N GLN A 100 -10.34 -0.39 -24.49
CA GLN A 100 -10.40 0.95 -25.07
C GLN A 100 -10.87 1.01 -26.53
N ASN A 101 -11.44 -0.07 -27.02
CA ASN A 101 -11.98 -0.09 -28.39
C ASN A 101 -13.39 0.49 -28.32
N PRO A 102 -13.71 1.50 -29.16
CA PRO A 102 -15.03 2.15 -29.03
C PRO A 102 -16.24 1.31 -29.42
N ASP A 103 -15.98 0.16 -30.04
CA ASP A 103 -17.02 -0.81 -30.36
C ASP A 103 -17.27 -1.81 -29.21
N VAL A 104 -16.56 -1.66 -28.09
CA VAL A 104 -16.63 -2.62 -26.98
C VAL A 104 -17.10 -1.91 -25.71
N PRO A 105 -18.26 -2.30 -25.18
CA PRO A 105 -18.62 -1.78 -23.86
C PRO A 105 -17.63 -2.26 -22.77
N LEU A 106 -17.27 -1.37 -21.86
CA LEU A 106 -16.39 -1.68 -20.71
C LEU A 106 -17.22 -1.55 -19.44
N VAL A 107 -17.62 -2.68 -18.86
CA VAL A 107 -18.78 -2.66 -17.96
C VAL A 107 -18.54 -3.16 -16.54
N VAL A 108 -19.08 -2.41 -15.60
CA VAL A 108 -19.33 -2.83 -14.23
C VAL A 108 -20.85 -2.70 -14.11
N PRO A 109 -21.57 -3.83 -13.93
CA PRO A 109 -23.03 -3.83 -14.09
C PRO A 109 -23.80 -2.85 -13.21
N GLU A 110 -23.34 -2.65 -11.98
CA GLU A 110 -23.95 -1.70 -11.05
C GLU A 110 -23.80 -0.27 -11.49
N VAL A 111 -22.82 -0.01 -12.34
CA VAL A 111 -22.46 1.34 -12.74
C VAL A 111 -22.99 1.71 -14.12
N ASN A 112 -22.76 0.86 -15.12
CA ASN A 112 -23.10 1.22 -16.50
C ASN A 112 -23.60 0.03 -17.30
N ALA A 113 -24.49 -0.75 -16.71
CA ALA A 113 -25.10 -1.88 -17.40
C ALA A 113 -25.72 -1.49 -18.74
N HIS A 114 -26.29 -0.29 -18.82
CA HIS A 114 -26.92 0.21 -20.05
C HIS A 114 -26.00 0.11 -21.28
N ALA A 115 -24.68 0.24 -21.08
CA ALA A 115 -23.73 0.19 -22.21
C ALA A 115 -23.70 -1.18 -22.87
N LEU A 116 -24.16 -2.21 -22.17
CA LEU A 116 -24.27 -3.55 -22.77
C LEU A 116 -25.21 -3.62 -23.97
N ASP A 117 -26.23 -2.75 -24.01
CA ASP A 117 -27.24 -2.77 -25.09
C ASP A 117 -26.64 -2.71 -26.49
N ALA A 118 -25.55 -1.97 -26.62
CA ALA A 118 -24.94 -1.71 -27.92
C ALA A 118 -23.73 -2.59 -28.21
N HIS A 119 -23.62 -3.76 -27.61
CA HIS A 119 -22.42 -4.56 -27.84
C HIS A 119 -22.39 -5.15 -29.24
N ASN A 120 -21.19 -5.47 -29.69
CA ASN A 120 -20.97 -6.10 -30.99
C ASN A 120 -20.28 -7.44 -30.86
N GLY A 121 -20.51 -8.13 -29.76
CA GLY A 121 -20.03 -9.50 -29.56
C GLY A 121 -18.95 -9.62 -28.49
N ILE A 122 -18.32 -8.50 -28.13
CA ILE A 122 -17.35 -8.48 -27.02
C ILE A 122 -17.72 -7.46 -25.94
N ILE A 123 -17.82 -7.91 -24.70
CA ILE A 123 -17.93 -7.03 -23.53
C ILE A 123 -16.63 -7.17 -22.74
N ALA A 124 -16.04 -6.06 -22.32
CA ALA A 124 -14.79 -6.10 -21.57
C ALA A 124 -15.04 -5.83 -20.10
N CYS A 125 -14.42 -6.65 -19.26
N CYS A 125 -14.42 -6.66 -19.26
CA CYS A 125 -14.33 -6.47 -17.82
CA CYS A 125 -14.26 -6.35 -17.87
C CYS A 125 -13.12 -5.56 -17.55
C CYS A 125 -13.13 -5.38 -17.72
N PRO A 126 -13.30 -4.45 -16.77
CA PRO A 126 -12.15 -3.61 -16.47
C PRO A 126 -11.14 -4.33 -15.60
N ASN A 127 -9.98 -3.73 -15.47
CA ASN A 127 -8.96 -4.14 -14.51
C ASN A 127 -9.50 -4.24 -13.08
N CYS A 128 -9.01 -5.22 -12.30
CA CYS A 128 -9.51 -5.47 -10.94
C CYS A 128 -9.51 -4.24 -10.02
N SER A 129 -8.43 -3.47 -10.06
CA SER A 129 -8.33 -2.31 -9.21
C SER A 129 -9.32 -1.21 -9.60
N THR A 130 -9.63 -1.12 -10.90
CA THR A 130 -10.58 -0.14 -11.40
C THR A 130 -11.98 -0.50 -10.93
N ILE A 131 -12.35 -1.78 -11.05
CA ILE A 131 -13.72 -2.21 -10.77
C ILE A 131 -14.13 -1.80 -9.37
N GLN A 132 -13.30 -2.14 -8.36
CA GLN A 132 -13.69 -1.90 -6.97
C GLN A 132 -13.74 -0.41 -6.67
N MET A 133 -12.88 0.37 -7.31
CA MET A 133 -12.90 1.82 -7.14
C MET A 133 -14.19 2.42 -7.75
N MET A 134 -14.65 1.86 -8.87
CA MET A 134 -15.89 2.33 -9.52
C MET A 134 -17.13 2.02 -8.70
N VAL A 135 -17.12 0.90 -8.02
CA VAL A 135 -18.24 0.51 -7.19
C VAL A 135 -18.34 1.49 -6.01
N ALA A 136 -17.19 1.83 -5.42
CA ALA A 136 -17.16 2.73 -4.28
C ALA A 136 -17.54 4.16 -4.64
N LEU A 137 -17.13 4.63 -5.81
CA LEU A 137 -17.24 6.04 -6.15
C LEU A 137 -18.48 6.42 -6.96
N GLU A 138 -19.07 5.48 -7.68
CA GLU A 138 -20.26 5.80 -8.49
C GLU A 138 -21.38 6.46 -7.68
N PRO A 139 -21.70 5.92 -6.50
CA PRO A 139 -22.78 6.54 -5.73
C PRO A 139 -22.48 7.95 -5.27
N VAL A 140 -21.20 8.21 -5.02
CA VAL A 140 -20.74 9.56 -4.73
C VAL A 140 -20.86 10.45 -5.95
N ARG A 141 -20.42 9.98 -7.11
CA ARG A 141 -20.50 10.75 -8.33
C ARG A 141 -21.94 11.13 -8.72
N GLN A 142 -22.86 10.17 -8.60
CA GLN A 142 -24.28 10.38 -8.93
C GLN A 142 -24.90 11.57 -8.22
N LYS A 143 -24.46 11.83 -6.99
CA LYS A 143 -25.06 12.84 -6.13
C LYS A 143 -24.26 14.13 -6.08
N TRP A 144 -22.93 14.02 -5.99
CA TRP A 144 -22.12 15.24 -5.83
C TRP A 144 -21.09 15.47 -6.93
N GLY A 145 -21.05 14.59 -7.93
CA GLY A 145 -20.05 14.68 -8.99
C GLY A 145 -18.63 14.32 -8.53
N LEU A 146 -17.73 14.15 -9.49
CA LEU A 146 -16.33 13.88 -9.15
C LEU A 146 -15.51 14.75 -10.03
N ASP A 147 -14.62 15.53 -9.43
CA ASP A 147 -13.69 16.34 -10.19
C ASP A 147 -12.36 15.63 -10.44
N ARG A 148 -11.82 15.02 -9.41
CA ARG A 148 -10.53 14.32 -9.53
C ARG A 148 -10.42 13.15 -8.58
N ILE A 149 -9.48 12.26 -8.89
CA ILE A 149 -9.17 11.07 -8.09
C ILE A 149 -7.65 10.92 -8.03
N ILE A 150 -7.12 10.74 -6.82
CA ILE A 150 -5.74 10.30 -6.67
C ILE A 150 -5.85 9.01 -5.87
N VAL A 151 -5.18 7.95 -6.33
CA VAL A 151 -5.29 6.65 -5.65
C VAL A 151 -3.93 5.97 -5.52
N SER A 152 -3.69 5.36 -4.37
CA SER A 152 -2.50 4.52 -4.16
C SER A 152 -3.03 3.13 -3.86
N THR A 153 -2.55 2.12 -4.58
CA THR A 153 -3.10 0.78 -4.42
C THR A 153 -2.18 -0.12 -3.61
N TYR A 154 -2.80 -1.12 -2.99
CA TYR A 154 -2.12 -2.11 -2.18
C TYR A 154 -2.55 -3.48 -2.72
N GLN A 155 -1.84 -3.99 -3.73
CA GLN A 155 -2.36 -5.06 -4.60
C GLN A 155 -1.76 -6.43 -4.30
N ALA A 156 -2.67 -7.39 -4.23
CA ALA A 156 -2.38 -8.79 -3.98
C ALA A 156 -1.76 -9.44 -5.20
N VAL A 157 -0.98 -10.48 -4.96
CA VAL A 157 -0.22 -11.14 -6.02
C VAL A 157 -1.04 -12.05 -6.94
N SER A 158 -2.24 -12.48 -6.52
CA SER A 158 -3.03 -13.41 -7.36
C SER A 158 -3.43 -12.78 -8.71
N GLY A 159 -3.49 -11.45 -8.74
CA GLY A 159 -3.70 -10.72 -9.98
C GLY A 159 -2.66 -11.01 -11.05
N ALA A 160 -1.44 -11.40 -10.67
CA ALA A 160 -0.42 -11.71 -11.67
C ALA A 160 -0.40 -13.19 -12.06
N GLY A 161 -1.34 -13.99 -11.52
CA GLY A 161 -1.52 -15.39 -11.93
C GLY A 161 -1.03 -16.44 -10.94
N MET A 162 -1.30 -17.70 -11.26
CA MET A 162 -0.87 -18.82 -10.44
C MET A 162 0.63 -18.80 -10.16
N GLY A 163 1.45 -18.56 -11.18
CA GLY A 163 2.91 -18.52 -10.97
C GLY A 163 3.33 -17.53 -9.87
N ALA A 164 2.75 -16.33 -9.95
CA ALA A 164 3.05 -15.31 -8.97
C ALA A 164 2.67 -15.77 -7.58
N ILE A 165 1.53 -16.45 -7.44
CA ILE A 165 1.10 -16.98 -6.11
C ILE A 165 2.12 -17.95 -5.53
N LEU A 166 2.52 -18.92 -6.34
CA LEU A 166 3.48 -19.92 -5.88
C LEU A 166 4.86 -19.30 -5.57
N GLU A 167 5.27 -18.30 -6.34
CA GLU A 167 6.53 -17.62 -6.09
C GLU A 167 6.49 -16.86 -4.75
N THR A 168 5.36 -16.26 -4.42
CA THR A 168 5.23 -15.52 -3.19
C THR A 168 5.27 -16.48 -1.97
N GLN A 169 4.59 -17.61 -2.13
CA GLN A 169 4.57 -18.65 -1.09
C GLN A 169 5.94 -19.23 -0.81
N ARG A 170 6.65 -19.56 -1.87
CA ARG A 170 8.00 -20.09 -1.80
C ARG A 170 8.96 -19.13 -1.10
N GLU A 171 8.96 -17.87 -1.55
CA GLU A 171 9.80 -16.83 -0.95
C GLU A 171 9.56 -16.62 0.56
N LEU A 172 8.30 -16.50 0.97
CA LEU A 172 7.99 -16.40 2.38
C LEU A 172 8.51 -17.61 3.18
N ARG A 173 8.35 -18.80 2.60
CA ARG A 173 8.81 -20.02 3.25
C ARG A 173 10.33 -20.09 3.36
N GLU A 174 11.03 -19.64 2.31
CA GLU A 174 12.49 -19.59 2.35
C GLU A 174 13.01 -18.68 3.47
N VAL A 175 12.34 -17.53 3.63
CA VAL A 175 12.73 -16.59 4.67
C VAL A 175 12.35 -17.12 6.06
N LEU A 176 11.10 -17.51 6.23
CA LEU A 176 10.57 -17.83 7.55
C LEU A 176 11.02 -19.19 8.08
N ASN A 177 11.24 -20.16 7.18
CA ASN A 177 11.60 -21.54 7.57
C ASN A 177 13.09 -21.86 7.38
N ASP A 178 13.72 -21.26 6.36
CA ASP A 178 15.12 -21.58 6.03
C ASP A 178 16.10 -20.48 6.35
N GLY A 179 15.59 -19.32 6.79
CA GLY A 179 16.45 -18.23 7.20
C GLY A 179 17.15 -17.51 6.06
N VAL A 180 16.59 -17.55 4.86
CA VAL A 180 17.13 -16.74 3.77
C VAL A 180 16.75 -15.27 4.01
N LYS A 181 17.70 -14.37 3.78
CA LYS A 181 17.43 -12.95 3.86
C LYS A 181 16.60 -12.52 2.62
N PRO A 182 15.63 -11.62 2.81
CA PRO A 182 14.83 -11.20 1.65
C PRO A 182 15.66 -10.73 0.44
N CYS A 183 16.70 -9.92 0.64
CA CYS A 183 17.46 -9.42 -0.53
CA CYS A 183 17.58 -9.41 -0.45
C CYS A 183 18.27 -10.50 -1.22
N ASP A 184 18.42 -11.67 -0.58
CA ASP A 184 19.08 -12.81 -1.20
C ASP A 184 18.11 -13.70 -2.00
N LEU A 185 16.81 -13.41 -1.98
CA LEU A 185 15.82 -14.26 -2.67
C LEU A 185 15.96 -14.15 -4.18
N HIS A 186 15.70 -15.24 -4.85
CA HIS A 186 15.68 -15.27 -6.31
C HIS A 186 14.23 -15.26 -6.78
N ALA A 187 13.90 -14.35 -7.68
CA ALA A 187 12.55 -14.23 -8.20
C ALA A 187 12.58 -14.33 -9.70
N GLU A 188 11.50 -14.84 -10.28
CA GLU A 188 11.38 -15.03 -11.73
C GLU A 188 10.16 -14.34 -12.37
N ILE A 189 9.15 -13.94 -11.60
CA ILE A 189 7.89 -13.48 -12.22
C ILE A 189 7.64 -12.01 -11.88
N LEU A 190 7.47 -11.72 -10.60
CA LEU A 190 7.21 -10.37 -10.15
C LEU A 190 8.41 -9.42 -10.24
N PRO A 191 8.16 -8.11 -10.43
CA PRO A 191 6.84 -7.44 -10.47
C PRO A 191 5.99 -7.71 -11.72
N SER A 192 6.63 -8.03 -12.85
CA SER A 192 5.92 -8.32 -14.11
C SER A 192 6.60 -9.42 -14.94
N GLY A 193 5.86 -10.49 -15.24
CA GLY A 193 6.33 -11.55 -16.14
C GLY A 193 6.83 -11.04 -17.49
N GLY A 194 6.19 -10.02 -18.03
CA GLY A 194 6.64 -9.40 -19.27
C GLY A 194 7.90 -8.52 -19.22
N ASP A 195 8.42 -8.20 -18.03
CA ASP A 195 9.51 -7.25 -17.97
C ASP A 195 10.83 -7.96 -17.73
N LYS A 196 11.93 -7.22 -17.83
CA LYS A 196 13.27 -7.78 -17.90
C LYS A 196 13.80 -8.22 -16.55
N LYS A 197 13.62 -7.40 -15.52
CA LYS A 197 14.14 -7.72 -14.19
C LYS A 197 13.06 -8.22 -13.24
N HIS A 198 13.45 -9.06 -12.30
CA HIS A 198 12.50 -9.63 -11.34
C HIS A 198 12.99 -9.41 -9.93
N TYR A 199 12.06 -9.12 -9.04
CA TYR A 199 12.40 -8.74 -7.68
C TYR A 199 11.56 -9.53 -6.69
N PRO A 200 12.12 -9.83 -5.51
CA PRO A 200 11.35 -10.46 -4.44
C PRO A 200 10.17 -9.60 -4.00
N ILE A 201 9.05 -10.24 -3.72
CA ILE A 201 7.88 -9.59 -3.10
C ILE A 201 7.80 -9.88 -1.58
N ALA A 202 8.40 -10.98 -1.14
CA ALA A 202 8.40 -11.34 0.29
C ALA A 202 8.96 -10.19 1.11
N PHE A 203 8.16 -9.69 2.05
CA PHE A 203 8.54 -8.62 2.97
C PHE A 203 8.96 -7.34 2.22
N ASN A 204 8.27 -7.07 1.11
CA ASN A 204 8.61 -5.94 0.26
C ASN A 204 7.35 -5.24 -0.23
N ALA A 205 7.53 -4.06 -0.81
CA ALA A 205 6.44 -3.36 -1.48
C ALA A 205 7.03 -2.86 -2.80
N LEU A 206 6.51 -3.39 -3.92
CA LEU A 206 7.02 -3.10 -5.25
C LEU A 206 6.10 -2.09 -5.96
N PRO A 207 6.58 -0.85 -6.19
CA PRO A 207 5.81 0.18 -6.87
C PRO A 207 5.89 0.02 -8.42
N GLN A 208 5.67 -1.21 -8.86
CA GLN A 208 5.56 -1.52 -10.29
C GLN A 208 4.56 -2.64 -10.48
N ILE A 209 3.52 -2.34 -11.26
CA ILE A 209 2.52 -3.31 -11.69
C ILE A 209 2.38 -3.11 -13.19
N ASP A 210 2.51 -4.18 -13.97
CA ASP A 210 2.65 -4.09 -15.43
C ASP A 210 3.94 -3.38 -15.82
N VAL A 211 4.13 -3.12 -17.11
CA VAL A 211 5.34 -2.47 -17.58
C VAL A 211 5.16 -0.98 -17.56
N PHE A 212 6.26 -0.26 -17.71
CA PHE A 212 6.26 1.20 -17.72
C PHE A 212 5.83 1.71 -19.08
N THR A 213 5.08 2.80 -19.08
CA THR A 213 4.74 3.48 -20.34
C THR A 213 5.67 4.67 -20.49
N ASP A 214 5.59 5.30 -21.66
CA ASP A 214 6.37 6.49 -22.01
C ASP A 214 6.26 7.68 -21.10
N ASN A 215 5.17 7.81 -20.37
CA ASN A 215 5.00 8.97 -19.51
C ASN A 215 5.46 8.69 -18.07
N ASP A 216 6.12 7.54 -17.85
CA ASP A 216 6.70 7.12 -16.56
C ASP A 216 5.67 6.63 -15.52
N TYR A 217 4.40 6.60 -15.89
CA TYR A 217 3.42 5.79 -15.19
C TYR A 217 3.46 4.36 -15.74
N THR A 218 3.06 3.39 -14.92
CA THR A 218 2.89 2.05 -15.44
C THR A 218 1.59 1.91 -16.22
N TYR A 219 1.52 0.87 -17.02
CA TYR A 219 0.31 0.51 -17.72
C TYR A 219 -0.84 0.27 -16.76
N GLU A 220 -0.56 -0.25 -15.57
CA GLU A 220 -1.62 -0.47 -14.60
C GLU A 220 -2.15 0.88 -14.10
N GLU A 221 -1.26 1.82 -13.87
CA GLU A 221 -1.69 3.16 -13.45
C GLU A 221 -2.56 3.83 -14.54
N MET A 222 -2.12 3.70 -15.78
CA MET A 222 -2.78 4.35 -16.91
C MET A 222 -4.08 3.67 -17.25
N LYS A 223 -4.15 2.33 -17.07
CA LYS A 223 -5.43 1.62 -17.16
C LYS A 223 -6.44 2.17 -16.18
N MET A 224 -6.05 2.44 -14.94
CA MET A 224 -6.99 2.99 -13.96
C MET A 224 -7.54 4.36 -14.45
N THR A 225 -6.64 5.18 -14.96
CA THR A 225 -7.00 6.49 -15.51
C THR A 225 -7.98 6.40 -16.67
N LYS A 226 -7.61 5.64 -17.70
CA LYS A 226 -8.41 5.57 -18.92
C LYS A 226 -9.68 4.80 -18.74
N GLU A 227 -9.62 3.73 -17.94
CA GLU A 227 -10.81 2.92 -17.73
C GLU A 227 -11.84 3.69 -16.93
N THR A 228 -11.38 4.40 -15.92
CA THR A 228 -12.28 5.26 -15.14
C THR A 228 -13.11 6.19 -16.04
N LYS A 229 -12.44 6.90 -16.94
CA LYS A 229 -13.12 7.88 -17.78
C LYS A 229 -14.15 7.25 -18.75
N LYS A 230 -13.80 6.09 -19.30
CA LYS A 230 -14.73 5.35 -20.16
C LYS A 230 -15.94 4.82 -19.38
N ILE A 231 -15.70 4.21 -18.22
CA ILE A 231 -16.77 3.64 -17.44
C ILE A 231 -17.73 4.72 -16.94
N MET A 232 -17.17 5.80 -16.43
CA MET A 232 -18.01 6.89 -15.94
C MET A 232 -18.48 7.82 -17.07
N GLU A 233 -18.02 7.57 -18.30
CA GLU A 233 -18.45 8.34 -19.47
C GLU A 233 -18.19 9.84 -19.28
N ASP A 234 -17.00 10.17 -18.77
CA ASP A 234 -16.62 11.54 -18.45
C ASP A 234 -15.10 11.71 -18.49
N ASP A 235 -14.60 12.10 -19.66
CA ASP A 235 -13.20 12.41 -19.85
C ASP A 235 -12.70 13.60 -19.02
N SER A 236 -13.59 14.37 -18.42
CA SER A 236 -13.15 15.51 -17.61
C SER A 236 -12.67 15.10 -16.21
N ILE A 237 -12.91 13.86 -15.78
CA ILE A 237 -12.48 13.43 -14.44
C ILE A 237 -10.96 13.19 -14.46
N ALA A 238 -10.22 13.95 -13.64
CA ALA A 238 -8.77 13.79 -13.51
C ALA A 238 -8.45 12.59 -12.63
N VAL A 239 -7.60 11.69 -13.11
CA VAL A 239 -7.23 10.48 -12.36
C VAL A 239 -5.73 10.23 -12.52
N SER A 240 -5.06 10.18 -11.39
CA SER A 240 -3.64 9.81 -11.30
C SER A 240 -3.49 8.72 -10.23
N ALA A 241 -2.73 7.67 -10.54
CA ALA A 241 -2.58 6.51 -9.66
C ALA A 241 -1.13 6.12 -9.44
N THR A 242 -0.91 5.54 -8.26
CA THR A 242 0.29 4.76 -7.97
C THR A 242 -0.11 3.33 -7.59
N CYS A 243 0.41 2.35 -8.32
CA CYS A 243 0.02 0.97 -8.13
C CYS A 243 1.19 0.16 -7.55
N VAL A 244 0.94 -0.46 -6.40
CA VAL A 244 2.02 -1.10 -5.62
C VAL A 244 1.57 -2.54 -5.31
N ARG A 245 2.46 -3.50 -5.57
CA ARG A 245 2.28 -4.88 -5.14
C ARG A 245 2.80 -5.12 -3.72
N ILE A 246 1.99 -5.78 -2.90
CA ILE A 246 2.38 -6.06 -1.53
C ILE A 246 2.25 -7.57 -1.27
N PRO A 247 2.77 -8.05 -0.13
CA PRO A 247 2.74 -9.49 0.15
C PRO A 247 1.37 -9.97 0.68
N VAL A 248 0.39 -9.95 -0.21
CA VAL A 248 -0.98 -10.41 0.01
C VAL A 248 -1.32 -11.36 -1.15
N LEU A 249 -1.92 -12.51 -0.86
CA LEU A 249 -2.24 -13.45 -1.93
C LEU A 249 -3.52 -13.03 -2.64
N SER A 250 -4.53 -12.62 -1.88
CA SER A 250 -5.84 -12.28 -2.44
C SER A 250 -6.48 -11.08 -1.73
N ALA A 251 -7.10 -10.22 -2.55
CA ALA A 251 -7.84 -9.03 -2.16
C ALA A 251 -6.98 -7.78 -2.29
N HIS A 252 -7.41 -6.87 -3.15
CA HIS A 252 -6.77 -5.56 -3.31
C HIS A 252 -7.36 -4.55 -2.32
N SER A 253 -6.49 -3.68 -1.80
CA SER A 253 -6.93 -2.52 -1.02
C SER A 253 -6.46 -1.27 -1.70
N GLU A 254 -7.18 -0.19 -1.53
CA GLU A 254 -6.88 1.07 -2.18
C GLU A 254 -7.14 2.26 -1.25
N SER A 255 -6.15 3.14 -1.15
CA SER A 255 -6.31 4.45 -0.45
C SER A 255 -6.78 5.46 -1.48
N VAL A 256 -8.03 5.90 -1.42
CA VAL A 256 -8.62 6.68 -2.51
C VAL A 256 -8.88 8.10 -2.00
N TYR A 257 -8.45 9.09 -2.78
CA TYR A 257 -8.75 10.49 -2.51
C TYR A 257 -9.53 11.02 -3.67
N ILE A 258 -10.62 11.72 -3.36
CA ILE A 258 -11.40 12.38 -4.38
C ILE A 258 -11.71 13.84 -4.00
N GLU A 259 -12.00 14.63 -5.01
CA GLU A 259 -12.66 15.91 -4.79
C GLU A 259 -13.95 15.90 -5.60
N THR A 260 -15.04 16.12 -4.90
CA THR A 260 -16.36 16.16 -5.50
C THR A 260 -16.57 17.48 -6.23
N LYS A 261 -17.62 17.59 -7.03
CA LYS A 261 -17.93 18.86 -7.71
C LYS A 261 -18.66 19.80 -6.77
N GLU A 262 -19.46 19.24 -5.88
CA GLU A 262 -20.13 20.01 -4.85
C GLU A 262 -19.75 19.38 -3.53
N VAL A 263 -19.76 20.16 -2.46
CA VAL A 263 -19.47 19.61 -1.14
C VAL A 263 -20.45 18.50 -0.84
N ALA A 264 -19.91 17.38 -0.35
CA ALA A 264 -20.70 16.21 -0.04
C ALA A 264 -20.67 15.97 1.45
N PRO A 265 -21.80 16.19 2.14
CA PRO A 265 -21.81 15.96 3.58
C PRO A 265 -21.29 14.56 3.90
N ILE A 266 -20.32 14.46 4.81
CA ILE A 266 -19.64 13.19 5.03
C ILE A 266 -20.55 12.02 5.38
N GLU A 267 -21.56 12.25 6.21
CA GLU A 267 -22.43 11.17 6.66
C GLU A 267 -23.41 10.71 5.56
N GLU A 268 -23.73 11.61 4.64
CA GLU A 268 -24.52 11.29 3.46
C GLU A 268 -23.70 10.47 2.46
N VAL A 269 -22.43 10.82 2.29
CA VAL A 269 -21.50 10.02 1.47
C VAL A 269 -21.52 8.59 1.99
N LYS A 270 -21.38 8.42 3.29
CA LYS A 270 -21.44 7.10 3.91
C LYS A 270 -22.78 6.40 3.63
N ALA A 271 -23.87 7.15 3.74
CA ALA A 271 -25.21 6.59 3.46
C ALA A 271 -25.37 6.18 2.00
N ALA A 272 -24.92 7.01 1.07
CA ALA A 272 -24.98 6.73 -0.35
C ALA A 272 -24.21 5.44 -0.74
N ILE A 273 -23.04 5.27 -0.14
CA ILE A 273 -22.23 4.10 -0.39
C ILE A 273 -22.92 2.85 0.15
N ALA A 274 -23.43 2.94 1.38
CA ALA A 274 -24.24 1.87 1.96
C ALA A 274 -25.42 1.48 1.06
N ALA A 275 -26.06 2.46 0.46
CA ALA A 275 -27.26 2.21 -0.33
C ALA A 275 -26.96 1.67 -1.74
N PHE A 276 -25.69 1.67 -2.14
CA PHE A 276 -25.33 1.35 -3.51
C PHE A 276 -25.14 -0.16 -3.62
N PRO A 277 -25.74 -0.80 -4.65
CA PRO A 277 -25.63 -2.27 -4.76
C PRO A 277 -24.19 -2.70 -5.08
N GLY A 278 -23.67 -3.65 -4.34
CA GLY A 278 -22.31 -4.15 -4.56
C GLY A 278 -21.32 -3.54 -3.60
N ALA A 279 -21.72 -2.44 -2.96
CA ALA A 279 -20.92 -1.74 -1.96
C ALA A 279 -21.46 -1.98 -0.56
N VAL A 280 -20.57 -2.31 0.37
CA VAL A 280 -20.91 -2.50 1.76
C VAL A 280 -20.08 -1.51 2.58
N LEU A 281 -20.79 -0.68 3.35
CA LEU A 281 -20.18 0.26 4.27
C LEU A 281 -19.66 -0.49 5.48
N GLU A 282 -18.36 -0.42 5.72
CA GLU A 282 -17.75 -1.01 6.89
C GLU A 282 -16.93 0.11 7.51
N ASP A 283 -17.60 0.96 8.29
CA ASP A 283 -17.00 2.19 8.77
C ASP A 283 -17.52 2.56 10.14
N ASP A 284 -16.84 2.06 11.18
CA ASP A 284 -17.12 2.46 12.56
C ASP A 284 -15.79 2.51 13.32
N VAL A 285 -15.11 3.66 13.25
CA VAL A 285 -13.79 3.78 13.88
C VAL A 285 -13.80 3.66 15.40
N ALA A 286 -14.92 4.03 16.03
CA ALA A 286 -15.05 3.87 17.49
C ALA A 286 -14.83 2.43 17.91
N HIS A 287 -15.13 1.48 17.01
CA HIS A 287 -14.93 0.06 17.30
C HIS A 287 -13.93 -0.60 16.34
N GLN A 288 -13.05 0.23 15.75
CA GLN A 288 -12.01 -0.25 14.87
C GLN A 288 -12.55 -1.06 13.69
N ILE A 289 -13.63 -0.57 13.11
CA ILE A 289 -14.30 -1.24 11.99
C ILE A 289 -13.93 -0.56 10.69
N TYR A 290 -13.22 -1.31 9.84
CA TYR A 290 -12.85 -0.86 8.50
C TYR A 290 -12.57 -2.08 7.60
N PRO A 291 -12.62 -1.86 6.29
CA PRO A 291 -12.33 -2.99 5.39
C PRO A 291 -10.93 -3.57 5.57
N GLN A 292 -10.84 -4.90 5.54
CA GLN A 292 -9.57 -5.60 5.54
C GLN A 292 -9.54 -6.70 4.49
N ALA A 293 -8.40 -6.79 3.79
CA ALA A 293 -8.18 -7.78 2.75
C ALA A 293 -8.54 -9.19 3.21
N ILE A 294 -8.06 -9.58 4.38
CA ILE A 294 -8.27 -10.94 4.85
C ILE A 294 -9.74 -11.31 5.10
N ASN A 295 -10.60 -10.34 5.43
CA ASN A 295 -12.02 -10.58 5.60
C ASN A 295 -12.83 -10.47 4.29
N ALA A 296 -12.24 -9.91 3.24
CA ALA A 296 -12.94 -9.72 1.97
C ALA A 296 -12.83 -10.95 1.05
N VAL A 297 -11.77 -11.73 1.23
CA VAL A 297 -11.56 -12.95 0.47
C VAL A 297 -12.79 -13.86 0.51
N GLY A 298 -13.28 -14.25 -0.67
CA GLY A 298 -14.45 -15.11 -0.73
C GLY A 298 -15.77 -14.40 -0.89
N SER A 299 -15.81 -13.06 -0.74
CA SER A 299 -17.06 -12.31 -0.93
C SER A 299 -17.06 -11.57 -2.27
N ARG A 300 -18.24 -11.49 -2.88
CA ARG A 300 -18.49 -10.69 -4.09
C ARG A 300 -18.66 -9.20 -3.82
N ASP A 301 -18.86 -8.81 -2.56
CA ASP A 301 -19.07 -7.40 -2.21
C ASP A 301 -17.77 -6.59 -2.24
N THR A 302 -17.92 -5.27 -2.39
CA THR A 302 -16.82 -4.32 -2.29
C THR A 302 -17.02 -3.53 -0.99
N PHE A 303 -16.00 -3.46 -0.15
CA PHE A 303 -16.11 -2.89 1.21
C PHE A 303 -15.41 -1.55 1.32
N VAL A 304 -16.10 -0.56 1.89
CA VAL A 304 -15.61 0.81 1.96
C VAL A 304 -15.70 1.35 3.39
N GLY A 305 -14.59 1.93 3.85
CA GLY A 305 -14.52 2.63 5.13
C GLY A 305 -13.39 3.65 5.18
N ARG A 306 -12.97 3.98 6.40
CA ARG A 306 -12.08 5.13 6.66
C ARG A 306 -12.54 6.38 5.93
N ILE A 307 -13.85 6.53 5.76
CA ILE A 307 -14.41 7.66 5.00
C ILE A 307 -14.33 8.91 5.90
N ARG A 308 -13.73 9.98 5.36
CA ARG A 308 -13.49 11.23 6.11
C ARG A 308 -13.15 12.40 5.19
N LYS A 309 -13.48 13.61 5.65
CA LYS A 309 -13.09 14.83 4.94
C LYS A 309 -11.57 14.97 4.91
N ASP A 310 -11.08 15.57 3.84
CA ASP A 310 -9.74 16.13 3.82
C ASP A 310 -9.65 17.22 4.89
N LEU A 311 -8.46 17.41 5.43
CA LEU A 311 -8.30 18.37 6.52
C LEU A 311 -8.33 19.82 6.04
N ASP A 312 -8.12 20.04 4.76
CA ASP A 312 -8.06 21.39 4.20
C ASP A 312 -8.95 21.62 2.98
N ALA A 313 -8.99 20.66 2.04
CA ALA A 313 -9.79 20.83 0.85
C ALA A 313 -11.25 20.62 1.21
N GLU A 314 -12.07 21.62 0.93
CA GLU A 314 -13.48 21.59 1.28
C GLU A 314 -14.20 20.43 0.61
N LYS A 315 -13.93 20.22 -0.67
CA LYS A 315 -14.59 19.15 -1.42
C LYS A 315 -13.81 17.81 -1.43
N GLY A 316 -12.80 17.68 -0.56
CA GLY A 316 -11.90 16.53 -0.56
C GLY A 316 -12.33 15.46 0.40
N ILE A 317 -12.19 14.19 -0.01
CA ILE A 317 -12.62 13.04 0.80
C ILE A 317 -11.64 11.87 0.62
N HIS A 318 -11.27 11.24 1.72
CA HIS A 318 -10.38 10.10 1.69
C HIS A 318 -11.19 8.87 2.05
N MET A 319 -10.80 7.70 1.51
CA MET A 319 -11.40 6.45 1.89
C MET A 319 -10.51 5.23 1.61
N TRP A 320 -10.97 4.09 2.11
CA TRP A 320 -10.26 2.84 1.99
C TRP A 320 -11.26 1.83 1.38
N VAL A 321 -10.84 1.24 0.26
CA VAL A 321 -11.67 0.34 -0.52
C VAL A 321 -10.98 -1.01 -0.67
N VAL A 322 -11.68 -2.08 -0.34
CA VAL A 322 -11.16 -3.45 -0.41
C VAL A 322 -12.12 -4.40 -1.12
N SER A 323 -11.58 -5.25 -1.99
CA SER A 323 -12.38 -6.29 -2.62
C SER A 323 -11.48 -7.45 -3.05
N ASP A 324 -12.08 -8.63 -3.09
CA ASP A 324 -11.42 -9.83 -3.61
C ASP A 324 -11.15 -9.59 -5.09
N ASN A 325 -9.86 -9.56 -5.45
CA ASN A 325 -9.46 -9.16 -6.81
C ASN A 325 -9.77 -10.23 -7.86
N LEU A 326 -9.99 -11.48 -7.41
CA LEU A 326 -10.36 -12.55 -8.34
C LEU A 326 -11.89 -12.72 -8.45
N LEU A 327 -12.64 -12.08 -7.56
CA LEU A 327 -14.10 -12.15 -7.62
C LEU A 327 -14.67 -10.88 -8.25
N LYS A 328 -15.04 -9.85 -7.47
CA LYS A 328 -15.54 -8.63 -8.14
C LYS A 328 -14.49 -8.05 -9.08
N GLY A 329 -13.22 -8.23 -8.73
CA GLY A 329 -12.13 -7.81 -9.57
C GLY A 329 -12.01 -8.56 -10.88
N ALA A 330 -12.63 -9.72 -11.00
CA ALA A 330 -12.52 -10.51 -12.26
C ALA A 330 -13.69 -11.46 -12.48
N ALA A 331 -13.66 -12.64 -11.87
CA ALA A 331 -14.56 -13.73 -12.20
C ALA A 331 -16.02 -13.36 -11.94
N TRP A 332 -16.27 -12.76 -10.78
CA TRP A 332 -17.64 -12.33 -10.44
C TRP A 332 -18.10 -11.22 -11.36
N ASN A 333 -17.27 -10.21 -11.61
CA ASN A 333 -17.71 -9.16 -12.56
C ASN A 333 -18.12 -9.80 -13.88
N SER A 334 -17.29 -10.73 -14.37
CA SER A 334 -17.55 -11.39 -15.64
C SER A 334 -18.85 -12.17 -15.68
N VAL A 335 -19.06 -13.01 -14.68
CA VAL A 335 -20.29 -13.81 -14.61
C VAL A 335 -21.51 -12.95 -14.39
N GLN A 336 -21.36 -11.90 -13.59
CA GLN A 336 -22.41 -10.92 -13.41
C GLN A 336 -22.80 -10.24 -14.74
N ILE A 337 -21.80 -9.92 -15.55
CA ILE A 337 -22.05 -9.42 -16.90
C ILE A 337 -22.88 -10.45 -17.71
N ALA A 338 -22.41 -11.69 -17.75
CA ALA A 338 -23.14 -12.75 -18.48
C ALA A 338 -24.58 -12.89 -17.97
N GLU A 339 -24.79 -12.84 -16.66
CA GLU A 339 -26.16 -12.92 -16.11
C GLU A 339 -26.99 -11.75 -16.58
N THR A 340 -26.38 -10.56 -16.60
CA THR A 340 -27.07 -9.35 -17.07
C THR A 340 -27.42 -9.46 -18.55
N LEU A 341 -26.50 -9.94 -19.38
CA LEU A 341 -26.79 -10.18 -20.79
C LEU A 341 -27.97 -11.13 -20.97
N HIS A 342 -28.01 -12.21 -20.17
CA HIS A 342 -29.09 -13.16 -20.26
C HIS A 342 -30.41 -12.49 -19.89
N GLU A 343 -30.41 -11.84 -18.73
CA GLU A 343 -31.59 -11.17 -18.22
C GLU A 343 -32.16 -10.10 -19.16
N ARG A 344 -31.31 -9.45 -19.96
CA ARG A 344 -31.78 -8.39 -20.87
C ARG A 344 -31.82 -8.76 -22.34
N GLY A 345 -31.77 -10.06 -22.62
CA GLY A 345 -31.96 -10.55 -23.97
C GLY A 345 -30.87 -10.22 -24.96
N LEU A 346 -29.63 -10.11 -24.47
CA LEU A 346 -28.50 -9.66 -25.29
C LEU A 346 -27.53 -10.77 -25.68
N VAL A 347 -27.86 -12.02 -25.36
CA VAL A 347 -27.06 -13.18 -25.76
C VAL A 347 -27.52 -13.64 -27.12
N ARG A 348 -26.94 -13.06 -28.16
CA ARG A 348 -27.21 -13.51 -29.52
C ARG A 348 -26.06 -13.10 -30.41
N PRO A 349 -25.84 -13.84 -31.51
CA PRO A 349 -24.80 -13.51 -32.47
C PRO A 349 -24.92 -12.09 -32.98
N THR A 350 -23.80 -11.51 -33.33
CA THR A 350 -23.74 -10.13 -33.83
C THR A 350 -23.85 -10.13 -35.34
N ALA A 351 -24.51 -9.12 -35.91
CA ALA A 351 -24.74 -9.05 -37.35
C ALA A 351 -23.44 -8.84 -38.13
N GLU A 352 -22.66 -7.87 -37.68
CA GLU A 352 -21.49 -7.38 -38.40
C GLU A 352 -20.23 -7.71 -37.59
N LEU A 353 -19.19 -8.26 -38.22
CA LEU A 353 -17.91 -8.48 -37.54
C LEU A 353 -17.11 -7.17 -37.48
N LYS A 354 -16.73 -6.77 -36.26
CA LYS A 354 -16.04 -5.51 -36.07
C LYS A 354 -14.64 -5.67 -35.48
N PHE A 355 -14.13 -6.88 -35.51
CA PHE A 355 -12.84 -7.19 -34.89
C PHE A 355 -11.95 -7.94 -35.84
N GLU A 356 -10.76 -7.40 -36.01
CA GLU A 356 -9.76 -7.91 -36.91
C GLU A 356 -9.38 -9.34 -36.54
N LEU A 357 -9.36 -10.24 -37.52
CA LEU A 357 -8.81 -11.60 -37.35
C LEU A 357 -7.29 -11.58 -37.53
N LYS A 358 -6.56 -12.19 -36.56
CA LYS A 358 -5.09 -12.10 -36.52
C LYS A 358 -4.39 -13.28 -37.19
N GLY B 2 35.21 12.70 26.86
CA GLY B 2 33.95 12.34 26.16
C GLY B 2 32.72 12.62 27.00
N TYR B 3 31.66 11.88 26.72
CA TYR B 3 30.39 12.04 27.41
C TYR B 3 29.95 10.75 28.09
N THR B 4 29.13 10.92 29.11
CA THR B 4 28.36 9.83 29.66
C THR B 4 27.01 9.83 28.96
N VAL B 5 26.73 8.75 28.24
CA VAL B 5 25.51 8.64 27.45
C VAL B 5 24.63 7.52 27.97
N ALA B 6 23.35 7.80 28.18
CA ALA B 6 22.39 6.78 28.61
C ALA B 6 21.36 6.45 27.54
N VAL B 7 21.14 5.16 27.32
CA VAL B 7 20.09 4.67 26.42
C VAL B 7 18.93 4.10 27.23
N VAL B 8 17.80 4.82 27.24
CA VAL B 8 16.60 4.41 27.96
C VAL B 8 15.69 3.61 27.04
N GLY B 9 15.46 2.36 27.42
CA GLY B 9 14.74 1.40 26.60
C GLY B 9 15.68 0.67 25.66
N ALA B 10 16.83 0.25 26.20
CA ALA B 10 17.93 -0.32 25.40
C ALA B 10 17.69 -1.75 24.90
N THR B 11 16.65 -2.39 25.43
CA THR B 11 16.30 -3.79 25.11
C THR B 11 15.36 -3.93 23.91
N GLY B 12 14.61 -2.85 23.63
CA GLY B 12 13.62 -2.82 22.55
C GLY B 12 14.14 -2.81 21.13
N ALA B 13 13.21 -2.78 20.17
CA ALA B 13 13.55 -2.79 18.73
C ALA B 13 14.38 -1.55 18.36
N VAL B 14 13.91 -0.39 18.79
CA VAL B 14 14.60 0.87 18.56
C VAL B 14 15.89 0.89 19.39
N GLY B 15 15.78 0.56 20.68
CA GLY B 15 16.96 0.53 21.54
C GLY B 15 18.15 -0.21 20.96
N ALA B 16 17.90 -1.42 20.44
CA ALA B 16 18.95 -2.23 19.83
C ALA B 16 19.68 -1.49 18.68
N GLN B 17 18.92 -0.71 17.90
CA GLN B 17 19.52 0.07 16.80
C GLN B 17 20.22 1.33 17.30
N MET B 18 19.74 1.88 18.40
CA MET B 18 20.36 3.04 19.03
C MET B 18 21.77 2.64 19.45
N ILE B 19 21.90 1.44 20.03
CA ILE B 19 23.19 0.87 20.40
C ILE B 19 24.10 0.75 19.18
N LYS B 20 23.59 0.18 18.08
CA LYS B 20 24.41 0.04 16.87
C LYS B 20 24.85 1.42 16.36
N MET B 21 23.92 2.37 16.34
CA MET B 21 24.26 3.71 15.84
C MET B 21 25.32 4.37 16.75
N LEU B 22 25.15 4.28 18.06
CA LEU B 22 26.12 4.86 19.01
C LEU B 22 27.49 4.22 18.86
N GLU B 23 27.52 2.89 18.77
CA GLU B 23 28.76 2.15 18.50
C GLU B 23 29.45 2.67 17.24
N GLU B 24 28.66 3.07 16.24
CA GLU B 24 29.24 3.51 14.97
C GLU B 24 29.36 5.03 14.89
N SER B 25 29.09 5.70 16.01
CA SER B 25 28.97 7.15 16.04
C SER B 25 30.32 7.85 16.12
N THR B 26 30.38 9.12 15.75
CA THR B 26 31.55 9.97 15.98
C THR B 26 31.47 10.72 17.34
N LEU B 27 30.47 10.38 18.15
CA LEU B 27 30.28 10.98 19.48
C LEU B 27 31.33 10.45 20.47
N PRO B 28 32.15 11.34 21.07
CA PRO B 28 33.16 10.82 22.01
C PRO B 28 32.49 10.34 23.29
N ILE B 29 32.48 9.03 23.50
CA ILE B 29 31.74 8.40 24.59
C ILE B 29 32.74 7.84 25.63
N ASP B 30 32.66 8.36 26.85
CA ASP B 30 33.50 7.88 27.98
C ASP B 30 32.81 6.77 28.76
N LYS B 31 31.51 6.92 28.98
CA LYS B 31 30.73 5.89 29.62
C LYS B 31 29.32 5.79 29.01
N ILE B 32 28.89 4.56 28.81
CA ILE B 32 27.60 4.23 28.24
C ILE B 32 26.80 3.48 29.32
N ARG B 33 25.53 3.83 29.47
CA ARG B 33 24.67 3.18 30.45
C ARG B 33 23.38 2.72 29.77
N TYR B 34 22.98 1.48 30.04
CA TYR B 34 21.77 0.94 29.44
C TYR B 34 20.65 0.85 30.46
N LEU B 35 19.55 1.55 30.19
CA LEU B 35 18.40 1.58 31.08
C LEU B 35 17.19 0.92 30.42
N ALA B 36 16.40 0.23 31.24
CA ALA B 36 15.17 -0.41 30.79
C ALA B 36 14.17 -0.50 31.95
N SER B 37 13.27 -1.49 31.93
CA SER B 37 12.31 -1.67 33.03
C SER B 37 12.84 -2.56 34.15
N ALA B 38 12.12 -2.53 35.26
CA ALA B 38 12.42 -3.34 36.44
C ALA B 38 12.84 -4.78 36.11
N ARG B 39 12.26 -5.40 35.08
CA ARG B 39 12.54 -6.82 34.79
C ARG B 39 13.61 -7.09 33.72
N SER B 40 14.14 -6.04 33.10
CA SER B 40 15.39 -6.16 32.33
C SER B 40 16.62 -5.86 33.22
N ALA B 41 16.38 -5.09 34.29
CA ALA B 41 17.43 -4.64 35.21
C ALA B 41 18.24 -5.79 35.81
N GLY B 42 19.46 -5.98 35.33
CA GLY B 42 20.34 -7.01 35.83
C GLY B 42 21.06 -7.79 34.74
N LYS B 43 20.43 -7.91 33.57
CA LYS B 43 21.01 -8.65 32.46
C LYS B 43 22.16 -7.85 31.84
N SER B 44 22.87 -8.43 30.88
CA SER B 44 23.98 -7.74 30.23
C SER B 44 23.87 -7.65 28.71
N LEU B 45 23.87 -6.41 28.21
CA LEU B 45 24.00 -6.14 26.78
C LEU B 45 25.41 -5.64 26.45
N LYS B 46 25.86 -5.88 25.22
CA LYS B 46 27.17 -5.43 24.77
C LYS B 46 27.19 -3.95 24.36
N PHE B 47 28.34 -3.31 24.53
CA PHE B 47 28.70 -2.10 23.79
C PHE B 47 30.08 -2.40 23.20
N LYS B 48 30.10 -2.67 21.89
CA LYS B 48 31.25 -3.25 21.21
C LYS B 48 31.57 -4.55 21.94
N ASP B 49 32.84 -4.82 22.25
CA ASP B 49 33.16 -5.97 23.09
C ASP B 49 33.41 -5.49 24.52
N GLN B 50 32.31 -5.17 25.21
CA GLN B 50 32.33 -4.85 26.64
C GLN B 50 30.93 -4.97 27.22
N ASP B 51 30.82 -5.65 28.35
CA ASP B 51 29.53 -5.97 28.94
C ASP B 51 28.97 -4.79 29.73
N ILE B 52 27.67 -4.53 29.55
CA ILE B 52 26.98 -3.44 30.24
C ILE B 52 25.79 -3.99 31.03
N THR B 53 25.77 -3.73 32.34
CA THR B 53 24.67 -4.18 33.17
C THR B 53 23.46 -3.28 32.90
N ILE B 54 22.34 -3.86 32.48
CA ILE B 54 21.16 -3.04 32.26
C ILE B 54 20.61 -2.62 33.62
N GLU B 55 20.37 -1.32 33.76
CA GLU B 55 19.90 -0.74 35.00
C GLU B 55 18.44 -0.39 34.86
N GLU B 56 17.71 -0.46 35.98
CA GLU B 56 16.32 -0.02 36.01
C GLU B 56 16.28 1.51 35.87
N THR B 57 15.23 1.99 35.21
CA THR B 57 15.02 3.40 35.01
C THR B 57 14.29 3.97 36.22
N THR B 58 14.97 4.82 36.99
CA THR B 58 14.38 5.44 38.19
C THR B 58 14.51 6.97 38.15
N GLU B 59 13.92 7.66 39.12
CA GLU B 59 13.98 9.13 39.18
C GLU B 59 15.38 9.66 39.47
N THR B 60 16.24 8.83 40.06
CA THR B 60 17.59 9.23 40.50
C THR B 60 18.70 8.60 39.67
N ALA B 61 18.34 7.80 38.68
CA ALA B 61 19.33 7.05 37.91
C ALA B 61 20.06 7.88 36.85
N PHE B 62 19.69 9.15 36.71
CA PHE B 62 20.18 10.02 35.63
C PHE B 62 21.29 11.00 36.06
N GLU B 63 21.61 11.04 37.35
CA GLU B 63 22.69 11.92 37.79
C GLU B 63 24.01 11.44 37.17
N GLY B 64 24.85 12.38 36.77
CA GLY B 64 26.12 12.04 36.11
C GLY B 64 26.03 11.82 34.60
N VAL B 65 24.83 11.91 34.03
CA VAL B 65 24.63 11.64 32.60
C VAL B 65 24.62 12.92 31.79
N ASP B 66 25.37 12.92 30.69
CA ASP B 66 25.46 14.10 29.81
C ASP B 66 24.31 14.12 28.82
N ILE B 67 24.08 12.98 28.18
CA ILE B 67 23.06 12.85 27.15
C ILE B 67 22.26 11.58 27.37
N ALA B 68 20.94 11.72 27.40
CA ALA B 68 20.04 10.57 27.47
C ALA B 68 19.18 10.46 26.22
N LEU B 69 19.22 9.28 25.62
CA LEU B 69 18.41 8.91 24.47
C LEU B 69 17.21 8.07 24.91
N PHE B 70 16.01 8.64 24.81
CA PHE B 70 14.79 7.97 25.26
C PHE B 70 14.09 7.26 24.12
N SER B 71 13.95 5.94 24.23
CA SER B 71 13.10 5.17 23.33
C SER B 71 12.37 4.03 24.05
N ALA B 72 11.35 4.41 24.83
CA ALA B 72 10.58 3.46 25.62
C ALA B 72 9.12 3.91 25.82
N GLY B 73 8.53 4.52 24.80
CA GLY B 73 7.11 4.92 24.83
C GLY B 73 6.83 6.17 25.63
N SER B 74 5.74 6.84 25.27
CA SER B 74 5.30 8.10 25.89
C SER B 74 5.32 8.05 27.42
N SER B 75 4.78 6.96 27.95
CA SER B 75 4.71 6.71 29.40
C SER B 75 6.03 6.97 30.10
N THR B 76 7.07 6.25 29.70
CA THR B 76 8.40 6.39 30.27
C THR B 76 8.96 7.81 30.15
N SER B 77 8.72 8.45 29.01
CA SER B 77 9.29 9.78 28.76
C SER B 77 8.57 10.88 29.54
N ALA B 78 7.24 10.77 29.65
CA ALA B 78 6.45 11.74 30.42
C ALA B 78 6.90 11.82 31.88
N LYS B 79 7.22 10.67 32.46
CA LYS B 79 7.55 10.61 33.89
C LYS B 79 9.00 10.99 34.20
N TYR B 80 9.94 10.37 33.49
CA TYR B 80 11.37 10.41 33.88
C TYR B 80 12.25 11.44 33.15
N ALA B 81 11.80 11.96 32.02
CA ALA B 81 12.61 12.92 31.26
C ALA B 81 12.71 14.29 31.95
N PRO B 82 11.61 14.75 32.59
CA PRO B 82 11.73 16.02 33.31
C PRO B 82 12.72 15.94 34.47
N TYR B 83 12.84 14.77 35.09
CA TYR B 83 13.80 14.55 36.18
C TYR B 83 15.23 14.51 35.64
N ALA B 84 15.40 14.00 34.42
CA ALA B 84 16.71 14.01 33.76
C ALA B 84 17.16 15.43 33.41
N VAL B 85 16.25 16.25 32.88
CA VAL B 85 16.53 17.65 32.59
C VAL B 85 16.91 18.35 33.89
N LYS B 86 16.13 18.10 34.94
CA LYS B 86 16.44 18.57 36.29
C LYS B 86 17.90 18.30 36.64
N ALA B 87 18.34 17.04 36.49
CA ALA B 87 19.71 16.65 36.82
C ALA B 87 20.77 17.13 35.82
N GLY B 88 20.43 18.06 34.94
CA GLY B 88 21.37 18.61 33.96
C GLY B 88 21.61 17.80 32.68
N VAL B 89 20.82 16.74 32.48
CA VAL B 89 20.98 15.88 31.30
C VAL B 89 20.32 16.55 30.10
N VAL B 90 20.91 16.42 28.91
CA VAL B 90 20.24 16.83 27.69
C VAL B 90 19.56 15.59 27.14
N VAL B 91 18.24 15.65 27.01
CA VAL B 91 17.41 14.52 26.59
C VAL B 91 17.06 14.61 25.09
N VAL B 92 17.29 13.53 24.38
CA VAL B 92 16.77 13.39 23.01
C VAL B 92 15.66 12.35 23.06
N ASP B 93 14.43 12.79 22.79
CA ASP B 93 13.23 11.97 22.97
C ASP B 93 12.67 11.41 21.65
N ASN B 94 12.62 10.08 21.53
CA ASN B 94 12.02 9.43 20.35
C ASN B 94 10.48 9.39 20.34
N THR B 95 9.85 9.67 21.48
CA THR B 95 8.41 9.47 21.65
C THR B 95 7.63 10.69 21.21
N SER B 96 6.31 10.55 21.23
CA SER B 96 5.41 11.63 20.84
C SER B 96 5.18 12.65 21.97
N TYR B 97 5.58 12.32 23.19
CA TYR B 97 5.10 13.10 24.35
C TYR B 97 5.35 14.60 24.25
N PHE B 98 6.58 14.98 23.92
CA PHE B 98 6.96 16.39 23.92
C PHE B 98 6.88 17.06 22.55
N ARG B 99 6.51 16.30 21.50
CA ARG B 99 6.69 16.76 20.12
C ARG B 99 5.98 18.07 19.76
N GLN B 100 4.83 18.33 20.36
CA GLN B 100 4.04 19.54 20.10
C GLN B 100 4.18 20.62 21.18
N ASN B 101 5.09 20.39 22.12
CA ASN B 101 5.45 21.40 23.12
C ASN B 101 6.22 22.54 22.47
N PRO B 102 5.72 23.79 22.60
CA PRO B 102 6.32 24.92 21.88
C PRO B 102 7.73 25.30 22.39
N ASP B 103 8.14 24.73 23.52
CA ASP B 103 9.48 24.92 24.05
C ASP B 103 10.41 23.74 23.69
N VAL B 104 9.96 22.81 22.84
CA VAL B 104 10.79 21.65 22.51
C VAL B 104 11.02 21.57 21.00
N PRO B 105 12.29 21.66 20.59
CA PRO B 105 12.58 21.53 19.17
C PRO B 105 12.22 20.14 18.67
N LEU B 106 11.62 20.10 17.49
CA LEU B 106 11.27 18.84 16.80
C LEU B 106 12.13 18.78 15.56
N VAL B 107 13.14 17.92 15.57
CA VAL B 107 14.24 18.10 14.63
C VAL B 107 14.54 16.91 13.70
N VAL B 108 14.70 17.22 12.41
CA VAL B 108 15.40 16.37 11.45
C VAL B 108 16.64 17.17 11.07
N PRO B 109 17.85 16.72 11.45
CA PRO B 109 19.03 17.59 11.28
C PRO B 109 19.24 18.17 9.90
N GLU B 110 18.96 17.42 8.82
CA GLU B 110 19.19 17.93 7.47
C GLU B 110 18.22 19.05 7.13
N VAL B 111 17.14 19.17 7.89
CA VAL B 111 16.06 20.09 7.55
C VAL B 111 16.04 21.33 8.46
N ASN B 112 16.02 21.11 9.76
CA ASN B 112 15.92 22.22 10.70
C ASN B 112 16.87 22.11 11.88
N ALA B 113 18.13 21.76 11.63
CA ALA B 113 19.16 21.70 12.69
C ALA B 113 19.22 22.97 13.54
N HIS B 114 19.00 24.11 12.89
CA HIS B 114 19.01 25.43 13.56
C HIS B 114 18.11 25.48 14.79
N ALA B 115 17.01 24.73 14.77
CA ALA B 115 16.07 24.69 15.89
C ALA B 115 16.68 24.16 17.19
N LEU B 116 17.77 23.39 17.10
CA LEU B 116 18.46 22.85 18.28
C LEU B 116 19.03 23.95 19.19
N ASP B 117 19.36 25.10 18.61
CA ASP B 117 19.93 26.26 19.36
C ASP B 117 19.02 26.77 20.47
N ALA B 118 17.71 26.74 20.25
CA ALA B 118 16.75 27.24 21.25
C ALA B 118 16.39 26.22 22.36
N HIS B 119 17.06 25.07 22.41
CA HIS B 119 16.59 23.99 23.29
C HIS B 119 16.75 24.28 24.78
N ASN B 120 15.92 23.60 25.59
CA ASN B 120 15.84 23.81 27.03
C ASN B 120 15.89 22.50 27.77
N GLY B 121 16.79 21.62 27.34
CA GLY B 121 16.99 20.32 27.96
C GLY B 121 16.45 19.14 27.20
N ILE B 122 15.51 19.37 26.28
CA ILE B 122 14.85 18.28 25.58
C ILE B 122 14.75 18.56 24.09
N ILE B 123 15.18 17.58 23.31
CA ILE B 123 15.01 17.58 21.86
C ILE B 123 14.04 16.43 21.49
N ALA B 124 13.05 16.72 20.66
CA ALA B 124 12.13 15.70 20.17
C ALA B 124 12.53 15.21 18.77
N CYS B 125 12.64 13.90 18.63
CA CYS B 125 12.77 13.25 17.34
C CYS B 125 11.34 13.02 16.78
N PRO B 126 11.08 13.40 15.52
CA PRO B 126 9.72 13.19 15.00
C PRO B 126 9.40 11.73 14.72
N ASN B 127 8.17 11.48 14.26
CA ASN B 127 7.71 10.14 13.93
C ASN B 127 8.42 9.61 12.67
N CYS B 128 8.72 8.32 12.65
CA CYS B 128 9.45 7.65 11.55
C CYS B 128 8.95 7.99 10.15
N SER B 129 7.65 7.85 9.95
CA SER B 129 7.05 8.17 8.65
C SER B 129 7.15 9.67 8.31
N THR B 130 7.15 10.55 9.32
CA THR B 130 7.31 11.98 9.04
C THR B 130 8.73 12.28 8.58
N ILE B 131 9.71 11.66 9.22
CA ILE B 131 11.13 12.00 8.97
C ILE B 131 11.52 11.75 7.51
N GLN B 132 11.18 10.58 6.98
CA GLN B 132 11.62 10.27 5.63
C GLN B 132 10.90 11.17 4.63
N MET B 133 9.66 11.53 4.95
CA MET B 133 8.93 12.42 4.09
C MET B 133 9.59 13.82 4.07
N MET B 134 10.06 14.27 5.22
CA MET B 134 10.71 15.59 5.35
C MET B 134 12.03 15.65 4.60
N VAL B 135 12.81 14.58 4.69
CA VAL B 135 14.05 14.48 3.95
C VAL B 135 13.80 14.56 2.45
N ALA B 136 12.76 13.89 1.98
CA ALA B 136 12.51 13.82 0.53
C ALA B 136 11.98 15.15 0.00
N LEU B 137 11.23 15.88 0.82
CA LEU B 137 10.44 17.03 0.36
C LEU B 137 11.08 18.39 0.63
N GLU B 138 11.90 18.48 1.66
CA GLU B 138 12.56 19.74 1.99
C GLU B 138 13.29 20.37 0.79
N PRO B 139 14.06 19.58 0.01
CA PRO B 139 14.72 20.17 -1.16
C PRO B 139 13.77 20.76 -2.20
N VAL B 140 12.57 20.18 -2.33
CA VAL B 140 11.56 20.71 -3.25
C VAL B 140 10.95 21.98 -2.66
N ARG B 141 10.66 21.98 -1.37
CA ARG B 141 10.11 23.15 -0.71
C ARG B 141 11.03 24.37 -0.81
N GLN B 142 12.33 24.13 -0.59
CA GLN B 142 13.33 25.17 -0.70
C GLN B 142 13.26 25.90 -2.02
N LYS B 143 13.06 25.17 -3.11
CA LYS B 143 13.16 25.73 -4.46
C LYS B 143 11.84 26.16 -5.08
N TRP B 144 10.75 25.44 -4.85
CA TRP B 144 9.46 25.75 -5.53
C TRP B 144 8.30 25.87 -4.59
N GLY B 145 8.52 25.69 -3.30
CA GLY B 145 7.47 25.78 -2.30
C GLY B 145 6.62 24.52 -2.23
N LEU B 146 5.84 24.45 -1.16
CA LEU B 146 4.89 23.37 -0.96
C LEU B 146 3.57 23.97 -0.59
N ASP B 147 2.56 23.68 -1.41
CA ASP B 147 1.21 24.09 -1.10
C ASP B 147 0.45 23.03 -0.33
N ARG B 148 0.51 21.76 -0.77
CA ARG B 148 -0.15 20.70 -0.01
C ARG B 148 0.54 19.36 -0.19
N ILE B 149 0.33 18.46 0.79
CA ILE B 149 0.78 17.07 0.72
C ILE B 149 -0.38 16.11 0.98
N ILE B 150 -0.46 15.05 0.18
CA ILE B 150 -1.36 13.92 0.44
C ILE B 150 -0.49 12.67 0.41
N VAL B 151 -0.53 11.88 1.49
CA VAL B 151 0.36 10.72 1.60
C VAL B 151 -0.38 9.46 2.05
N SER B 152 -0.02 8.33 1.42
CA SER B 152 -0.50 7.03 1.81
C SER B 152 0.72 6.20 2.14
N THR B 153 0.78 5.67 3.34
CA THR B 153 1.98 4.99 3.79
C THR B 153 1.81 3.48 3.74
N TYR B 154 2.95 2.80 3.71
CA TYR B 154 3.06 1.36 3.64
C TYR B 154 4.09 0.99 4.70
N GLN B 155 3.64 0.87 5.95
CA GLN B 155 4.52 0.80 7.09
C GLN B 155 4.79 -0.61 7.59
N ALA B 156 6.07 -0.83 7.87
CA ALA B 156 6.58 -2.06 8.40
C ALA B 156 6.19 -2.22 9.86
N VAL B 157 6.21 -3.46 10.30
CA VAL B 157 5.73 -3.81 11.63
C VAL B 157 6.74 -3.47 12.72
N SER B 158 8.03 -3.37 12.38
CA SER B 158 9.06 -3.07 13.40
C SER B 158 8.79 -1.76 14.14
N GLY B 159 8.04 -0.85 13.52
CA GLY B 159 7.67 0.40 14.17
C GLY B 159 6.76 0.26 15.38
N ALA B 160 6.06 -0.87 15.50
CA ALA B 160 5.20 -1.14 16.65
C ALA B 160 5.87 -1.99 17.74
N GLY B 161 7.16 -2.26 17.60
CA GLY B 161 7.93 -2.93 18.66
C GLY B 161 8.39 -4.32 18.27
N MET B 162 9.30 -4.88 19.05
CA MET B 162 9.80 -6.23 18.82
C MET B 162 8.65 -7.27 18.92
N GLY B 163 7.70 -7.03 19.82
CA GLY B 163 6.53 -7.90 19.95
C GLY B 163 5.72 -7.99 18.66
N ALA B 164 5.58 -6.86 17.95
CA ALA B 164 4.88 -6.85 16.65
C ALA B 164 5.60 -7.67 15.60
N ILE B 165 6.93 -7.59 15.57
CA ILE B 165 7.72 -8.33 14.59
C ILE B 165 7.49 -9.83 14.77
N LEU B 166 7.47 -10.26 16.03
CA LEU B 166 7.35 -11.69 16.32
C LEU B 166 5.95 -12.22 16.01
N GLU B 167 4.93 -11.45 16.39
CA GLU B 167 3.54 -11.75 16.07
C GLU B 167 3.36 -11.93 14.57
N THR B 168 4.05 -11.09 13.77
CA THR B 168 3.97 -11.16 12.31
C THR B 168 4.58 -12.45 11.74
N GLN B 169 5.76 -12.80 12.21
CA GLN B 169 6.45 -14.00 11.74
C GLN B 169 5.71 -15.30 12.16
N ARG B 170 5.17 -15.30 13.38
CA ARG B 170 4.38 -16.45 13.88
C ARG B 170 3.08 -16.57 13.05
N GLU B 171 2.37 -15.46 12.87
CA GLU B 171 1.14 -15.47 12.05
C GLU B 171 1.40 -16.03 10.64
N LEU B 172 2.46 -15.58 9.98
CA LEU B 172 2.79 -16.06 8.65
C LEU B 172 3.13 -17.55 8.62
N ARG B 173 3.81 -18.02 9.65
CA ARG B 173 4.17 -19.44 9.71
C ARG B 173 2.93 -20.30 9.92
N GLU B 174 1.99 -19.82 10.72
CA GLU B 174 0.76 -20.59 10.91
C GLU B 174 -0.05 -20.73 9.62
N VAL B 175 -0.09 -19.67 8.83
CA VAL B 175 -0.77 -19.72 7.55
C VAL B 175 -0.03 -20.65 6.59
N LEU B 176 1.26 -20.41 6.38
CA LEU B 176 2.04 -21.15 5.36
C LEU B 176 2.43 -22.60 5.74
N ASN B 177 2.62 -22.86 7.04
CA ASN B 177 3.00 -24.19 7.53
C ASN B 177 1.82 -25.02 8.03
N ASP B 178 0.89 -24.40 8.75
CA ASP B 178 -0.25 -25.12 9.33
C ASP B 178 -1.55 -25.01 8.52
N GLY B 179 -1.54 -24.17 7.49
CA GLY B 179 -2.71 -23.98 6.64
C GLY B 179 -3.82 -23.19 7.29
N VAL B 180 -3.54 -22.48 8.37
CA VAL B 180 -4.58 -21.64 9.01
C VAL B 180 -4.97 -20.53 8.03
N LYS B 181 -6.27 -20.23 7.93
CA LYS B 181 -6.74 -19.10 7.12
C LYS B 181 -6.43 -17.77 7.83
N PRO B 182 -5.87 -16.79 7.08
CA PRO B 182 -5.52 -15.50 7.69
C PRO B 182 -6.61 -14.90 8.58
N CYS B 183 -7.87 -14.92 8.13
CA CYS B 183 -8.98 -14.36 8.95
C CYS B 183 -9.23 -15.11 10.27
N ASP B 184 -8.70 -16.33 10.41
CA ASP B 184 -8.85 -17.10 11.65
C ASP B 184 -7.68 -16.97 12.62
N LEU B 185 -6.62 -16.25 12.24
CA LEU B 185 -5.45 -16.12 13.13
C LEU B 185 -5.80 -15.36 14.41
N HIS B 186 -5.08 -15.66 15.48
CA HIS B 186 -5.18 -14.97 16.77
C HIS B 186 -4.11 -13.87 16.83
N ALA B 187 -4.50 -12.66 17.21
CA ALA B 187 -3.59 -11.52 17.29
C ALA B 187 -3.67 -10.82 18.64
N GLU B 188 -2.53 -10.35 19.15
CA GLU B 188 -2.42 -9.68 20.47
C GLU B 188 -2.05 -8.17 20.44
N ILE B 189 -1.38 -7.73 19.39
CA ILE B 189 -0.71 -6.43 19.37
C ILE B 189 -1.25 -5.52 18.27
N LEU B 190 -1.03 -5.91 17.02
CA LEU B 190 -1.46 -5.08 15.90
C LEU B 190 -2.99 -5.08 15.77
N PRO B 191 -3.57 -3.99 15.24
CA PRO B 191 -2.91 -2.79 14.73
C PRO B 191 -2.26 -1.87 15.82
N SER B 192 -2.88 -1.77 16.99
CA SER B 192 -2.37 -0.89 18.05
C SER B 192 -2.37 -1.58 19.41
N GLY B 193 -1.16 -1.76 19.96
CA GLY B 193 -0.99 -2.30 21.30
C GLY B 193 -1.87 -1.63 22.34
N GLY B 194 -2.12 -0.33 22.17
CA GLY B 194 -2.97 0.43 23.06
C GLY B 194 -4.45 0.49 22.73
N ASP B 195 -4.94 -0.26 21.74
CA ASP B 195 -6.37 -0.19 21.43
C ASP B 195 -7.08 -1.48 21.84
N LYS B 196 -8.41 -1.44 21.81
CA LYS B 196 -9.25 -2.52 22.32
C LYS B 196 -9.17 -3.84 21.55
N LYS B 197 -9.22 -3.78 20.22
CA LYS B 197 -9.26 -5.01 19.40
C LYS B 197 -7.98 -5.20 18.61
N HIS B 198 -7.63 -6.47 18.40
CA HIS B 198 -6.43 -6.79 17.65
C HIS B 198 -6.73 -7.64 16.41
N TYR B 199 -5.95 -7.44 15.36
CA TYR B 199 -6.18 -8.11 14.08
C TYR B 199 -4.89 -8.70 13.50
N PRO B 200 -5.02 -9.76 12.69
CA PRO B 200 -3.85 -10.29 11.98
C PRO B 200 -3.34 -9.32 10.93
N ILE B 201 -2.03 -9.35 10.71
CA ILE B 201 -1.33 -8.56 9.70
C ILE B 201 -0.90 -9.46 8.54
N ALA B 202 -0.72 -10.75 8.80
CA ALA B 202 -0.31 -11.69 7.78
C ALA B 202 -1.25 -11.65 6.57
N PHE B 203 -0.68 -11.47 5.38
CA PHE B 203 -1.44 -11.36 4.12
C PHE B 203 -2.56 -10.34 4.21
N ASN B 204 -2.33 -9.29 5.00
CA ASN B 204 -3.34 -8.28 5.24
C ASN B 204 -2.79 -6.90 5.03
N ALA B 205 -3.68 -5.92 4.98
CA ALA B 205 -3.27 -4.52 5.03
C ALA B 205 -4.19 -3.79 5.98
N LEU B 206 -3.63 -3.28 7.07
CA LEU B 206 -4.42 -2.70 8.17
C LEU B 206 -4.37 -1.18 8.17
N PRO B 207 -5.48 -0.51 7.83
CA PRO B 207 -5.56 0.94 7.76
C PRO B 207 -5.73 1.64 9.13
N GLN B 208 -4.90 1.24 10.08
CA GLN B 208 -4.87 1.85 11.41
C GLN B 208 -3.47 1.73 11.96
N ILE B 209 -2.85 2.89 12.22
CA ILE B 209 -1.62 2.97 12.98
C ILE B 209 -1.91 3.95 14.12
N ASP B 210 -1.57 3.53 15.34
CA ASP B 210 -1.99 4.23 16.58
C ASP B 210 -3.53 4.13 16.74
N VAL B 211 -4.12 4.95 17.60
CA VAL B 211 -5.56 4.93 17.86
C VAL B 211 -6.21 6.10 17.17
N PHE B 212 -7.53 6.07 17.08
CA PHE B 212 -8.28 7.13 16.42
C PHE B 212 -8.47 8.41 17.25
N THR B 213 -8.63 9.53 16.55
CA THR B 213 -8.92 10.85 17.13
C THR B 213 -10.36 11.27 16.78
N ASP B 214 -10.84 12.34 17.39
CA ASP B 214 -12.19 12.88 17.17
C ASP B 214 -12.53 13.11 15.70
N ASN B 215 -11.54 13.47 14.87
CA ASN B 215 -11.81 13.80 13.48
C ASN B 215 -11.76 12.61 12.52
N ASP B 216 -11.62 11.40 13.07
CA ASP B 216 -11.59 10.12 12.33
C ASP B 216 -10.31 9.81 11.56
N TYR B 217 -9.29 10.65 11.69
CA TYR B 217 -7.95 10.25 11.30
C TYR B 217 -7.34 9.61 12.52
N THR B 218 -6.38 8.70 12.35
CA THR B 218 -5.66 8.19 13.50
C THR B 218 -4.65 9.22 14.00
N TYR B 219 -4.07 8.94 15.17
CA TYR B 219 -3.00 9.77 15.75
C TYR B 219 -1.73 9.74 14.91
N GLU B 220 -1.48 8.61 14.23
CA GLU B 220 -0.35 8.50 13.32
C GLU B 220 -0.50 9.48 12.16
N GLU B 221 -1.69 9.47 11.56
CA GLU B 221 -2.03 10.42 10.49
C GLU B 221 -1.93 11.92 10.94
N MET B 222 -2.43 12.22 12.13
CA MET B 222 -2.41 13.60 12.66
C MET B 222 -0.97 14.05 13.04
N LYS B 223 -0.15 13.11 13.51
CA LYS B 223 1.27 13.37 13.74
C LYS B 223 1.98 13.78 12.45
N MET B 224 1.72 13.05 11.37
CA MET B 224 2.30 13.46 10.09
C MET B 224 1.89 14.87 9.75
N THR B 225 0.62 15.20 9.97
CA THR B 225 0.11 16.53 9.61
C THR B 225 0.76 17.60 10.52
N LYS B 226 0.67 17.40 11.82
CA LYS B 226 1.15 18.43 12.76
C LYS B 226 2.68 18.56 12.74
N GLU B 227 3.40 17.44 12.76
CA GLU B 227 4.86 17.49 12.79
C GLU B 227 5.42 18.13 11.52
N THR B 228 4.80 17.88 10.37
CA THR B 228 5.24 18.51 9.13
C THR B 228 5.21 20.03 9.27
N LYS B 229 4.09 20.55 9.73
CA LYS B 229 3.95 22.00 9.89
C LYS B 229 5.05 22.60 10.78
N LYS B 230 5.33 21.93 11.89
CA LYS B 230 6.33 22.38 12.86
C LYS B 230 7.77 22.25 12.36
N ILE B 231 8.09 21.13 11.73
CA ILE B 231 9.45 20.91 11.24
C ILE B 231 9.77 21.90 10.12
N MET B 232 8.81 22.14 9.24
CA MET B 232 9.01 23.08 8.15
C MET B 232 8.61 24.51 8.55
N GLU B 233 8.13 24.67 9.78
CA GLU B 233 7.81 25.98 10.34
C GLU B 233 6.91 26.75 9.41
N ASP B 234 5.82 26.12 8.98
CA ASP B 234 4.88 26.75 8.07
C ASP B 234 3.53 26.06 8.16
N ASP B 235 2.59 26.73 8.81
CA ASP B 235 1.27 26.16 9.08
C ASP B 235 0.34 26.21 7.88
N SER B 236 0.77 26.86 6.80
CA SER B 236 -0.06 26.97 5.62
C SER B 236 0.05 25.74 4.70
N ILE B 237 0.98 24.82 5.00
CA ILE B 237 1.09 23.58 4.22
C ILE B 237 -0.03 22.62 4.62
N ALA B 238 -0.94 22.39 3.68
CA ALA B 238 -2.04 21.46 3.87
C ALA B 238 -1.51 20.01 3.78
N VAL B 239 -1.73 19.22 4.83
CA VAL B 239 -1.27 17.83 4.88
C VAL B 239 -2.38 16.88 5.36
N SER B 240 -2.71 15.87 4.55
CA SER B 240 -3.62 14.80 4.98
C SER B 240 -3.02 13.42 4.67
N ALA B 241 -3.13 12.49 5.60
CA ALA B 241 -2.48 11.18 5.51
C ALA B 241 -3.44 9.99 5.73
N THR B 242 -3.13 8.89 5.06
CA THR B 242 -3.69 7.58 5.36
C THR B 242 -2.53 6.67 5.71
N CYS B 243 -2.52 6.11 6.92
CA CYS B 243 -1.42 5.29 7.37
C CYS B 243 -1.82 3.80 7.51
N VAL B 244 -1.11 2.93 6.80
CA VAL B 244 -1.49 1.53 6.64
C VAL B 244 -0.29 0.64 7.04
N ARG B 245 -0.54 -0.35 7.89
CA ARG B 245 0.47 -1.35 8.18
C ARG B 245 0.38 -2.48 7.17
N ILE B 246 1.54 -2.92 6.69
CA ILE B 246 1.58 -4.03 5.75
C ILE B 246 2.58 -5.07 6.26
N PRO B 247 2.58 -6.28 5.65
CA PRO B 247 3.43 -7.36 6.13
C PRO B 247 4.88 -7.22 5.68
N VAL B 248 5.53 -6.20 6.20
CA VAL B 248 6.96 -5.93 5.97
C VAL B 248 7.58 -5.81 7.35
N LEU B 249 8.76 -6.39 7.54
CA LEU B 249 9.41 -6.36 8.88
C LEU B 249 10.07 -5.02 9.14
N SER B 250 10.92 -4.59 8.22
CA SER B 250 11.57 -3.28 8.31
C SER B 250 11.57 -2.51 7.00
N ALA B 251 11.46 -1.18 7.15
CA ALA B 251 11.47 -0.15 6.11
C ALA B 251 10.06 0.26 5.74
N HIS B 252 9.77 1.56 5.92
CA HIS B 252 8.50 2.15 5.53
C HIS B 252 8.61 2.62 4.12
N SER B 253 7.51 2.49 3.37
CA SER B 253 7.37 3.15 2.09
C SER B 253 6.16 4.07 2.10
N GLU B 254 6.22 5.10 1.26
CA GLU B 254 5.21 6.11 1.18
C GLU B 254 4.99 6.54 -0.24
N SER B 255 3.72 6.56 -0.62
CA SER B 255 3.26 7.14 -1.88
C SER B 255 2.92 8.59 -1.55
N VAL B 256 3.70 9.52 -2.08
CA VAL B 256 3.60 10.91 -1.69
C VAL B 256 3.12 11.75 -2.86
N TYR B 257 2.04 12.51 -2.64
CA TYR B 257 1.57 13.48 -3.63
C TYR B 257 1.75 14.89 -3.10
N ILE B 258 2.34 15.75 -3.90
CA ILE B 258 2.47 17.15 -3.49
C ILE B 258 1.98 18.08 -4.57
N GLU B 259 1.61 19.29 -4.16
CA GLU B 259 1.50 20.38 -5.10
C GLU B 259 2.43 21.48 -4.63
N THR B 260 3.30 21.92 -5.53
CA THR B 260 4.24 22.97 -5.23
C THR B 260 3.58 24.35 -5.39
N LYS B 261 4.30 25.41 -4.99
CA LYS B 261 3.80 26.78 -5.16
C LYS B 261 4.11 27.32 -6.54
N GLU B 262 5.25 26.93 -7.10
CA GLU B 262 5.58 27.23 -8.50
C GLU B 262 5.81 25.91 -9.22
N VAL B 263 5.52 25.85 -10.50
CA VAL B 263 5.74 24.65 -11.27
C VAL B 263 7.21 24.27 -11.20
N ALA B 264 7.45 22.99 -10.91
CA ALA B 264 8.78 22.44 -10.68
C ALA B 264 9.12 21.40 -11.74
N PRO B 265 9.98 21.75 -12.70
CA PRO B 265 10.29 20.76 -13.72
C PRO B 265 10.80 19.44 -13.10
N ILE B 266 10.31 18.33 -13.61
CA ILE B 266 10.65 17.05 -13.01
C ILE B 266 12.17 16.78 -12.97
N GLU B 267 12.89 17.07 -14.04
CA GLU B 267 14.34 16.78 -14.03
C GLU B 267 15.10 17.65 -13.03
N GLU B 268 14.61 18.84 -12.76
CA GLU B 268 15.15 19.70 -11.73
C GLU B 268 14.78 19.19 -10.35
N VAL B 269 13.58 18.66 -10.22
CA VAL B 269 13.16 18.04 -8.96
C VAL B 269 14.07 16.85 -8.62
N LYS B 270 14.29 15.97 -9.60
CA LYS B 270 15.14 14.81 -9.36
C LYS B 270 16.54 15.24 -8.93
N ALA B 271 17.06 16.26 -9.61
CA ALA B 271 18.40 16.81 -9.32
C ALA B 271 18.48 17.45 -7.93
N ALA B 272 17.42 18.15 -7.51
CA ALA B 272 17.38 18.76 -6.17
C ALA B 272 17.36 17.70 -5.06
N ILE B 273 16.59 16.65 -5.25
CA ILE B 273 16.57 15.54 -4.27
C ILE B 273 17.95 14.81 -4.23
N ALA B 274 18.51 14.48 -5.40
CA ALA B 274 19.84 13.88 -5.46
C ALA B 274 20.87 14.71 -4.69
N ALA B 275 20.79 16.04 -4.82
CA ALA B 275 21.74 16.97 -4.19
C ALA B 275 21.55 17.14 -2.70
N PHE B 276 20.39 16.76 -2.20
CA PHE B 276 20.04 16.99 -0.80
C PHE B 276 20.66 15.96 0.13
N PRO B 277 21.37 16.40 1.18
CA PRO B 277 22.02 15.44 2.12
C PRO B 277 21.02 14.54 2.83
N GLY B 278 21.29 13.23 2.82
CA GLY B 278 20.39 12.23 3.40
C GLY B 278 19.34 11.63 2.47
N ALA B 279 19.11 12.26 1.32
CA ALA B 279 18.24 11.72 0.26
C ALA B 279 19.08 11.14 -0.87
N VAL B 280 18.73 9.93 -1.32
CA VAL B 280 19.35 9.32 -2.50
C VAL B 280 18.28 9.14 -3.56
N LEU B 281 18.59 9.62 -4.76
CA LEU B 281 17.74 9.42 -5.91
C LEU B 281 17.92 8.00 -6.46
N GLU B 282 16.86 7.20 -6.49
CA GLU B 282 16.85 5.90 -7.19
C GLU B 282 15.66 5.87 -8.13
N ASP B 283 15.89 6.28 -9.37
CA ASP B 283 14.79 6.55 -10.26
C ASP B 283 15.24 6.45 -11.70
N ASP B 284 15.09 5.26 -12.25
CA ASP B 284 15.45 4.98 -13.62
C ASP B 284 14.50 3.88 -14.08
N VAL B 285 13.29 4.29 -14.49
CA VAL B 285 12.22 3.32 -14.79
C VAL B 285 12.54 2.45 -16.03
N ALA B 286 13.34 2.97 -16.96
CA ALA B 286 13.79 2.17 -18.10
C ALA B 286 14.53 0.88 -17.66
N HIS B 287 15.11 0.88 -16.47
CA HIS B 287 15.78 -0.32 -15.96
C HIS B 287 15.11 -0.77 -14.68
N GLN B 288 13.83 -0.42 -14.55
CA GLN B 288 13.04 -0.76 -13.38
C GLN B 288 13.74 -0.46 -12.05
N ILE B 289 14.38 0.70 -11.98
CA ILE B 289 15.04 1.15 -10.75
C ILE B 289 14.11 2.10 -9.99
N TYR B 290 13.78 1.71 -8.76
CA TYR B 290 13.02 2.53 -7.82
C TYR B 290 13.31 2.06 -6.40
N PRO B 291 12.99 2.87 -5.38
CA PRO B 291 13.22 2.43 -4.00
C PRO B 291 12.39 1.19 -3.59
N GLN B 292 13.00 0.29 -2.81
CA GLN B 292 12.34 -0.94 -2.34
C GLN B 292 12.69 -1.16 -0.89
N ALA B 293 11.67 -1.40 -0.08
CA ALA B 293 11.84 -1.72 1.35
C ALA B 293 13.01 -2.68 1.59
N ILE B 294 13.05 -3.80 0.87
CA ILE B 294 14.05 -4.82 1.19
C ILE B 294 15.51 -4.36 0.95
N ASN B 295 15.73 -3.46 0.01
CA ASN B 295 17.06 -2.91 -0.23
C ASN B 295 17.46 -1.78 0.70
N ALA B 296 16.50 -1.17 1.39
CA ALA B 296 16.76 0.00 2.24
C ALA B 296 17.15 -0.39 3.65
N VAL B 297 16.87 -1.63 4.03
CA VAL B 297 17.16 -2.11 5.37
C VAL B 297 18.65 -2.04 5.66
N GLY B 298 19.02 -1.37 6.74
CA GLY B 298 20.41 -1.31 7.18
C GLY B 298 21.11 -0.03 6.74
N SER B 299 20.47 0.75 5.87
CA SER B 299 21.05 2.01 5.39
C SER B 299 20.44 3.23 6.11
N ARG B 300 21.27 4.24 6.36
CA ARG B 300 20.81 5.51 6.99
C ARG B 300 20.13 6.46 5.99
N ASP B 301 20.23 6.17 4.71
CA ASP B 301 19.75 7.07 3.67
C ASP B 301 18.24 6.92 3.47
N THR B 302 17.62 7.98 2.91
CA THR B 302 16.24 7.94 2.45
C THR B 302 16.23 7.88 0.91
N PHE B 303 15.46 6.97 0.34
CA PHE B 303 15.52 6.70 -1.10
C PHE B 303 14.24 7.18 -1.77
N VAL B 304 14.40 7.90 -2.87
CA VAL B 304 13.25 8.50 -3.55
C VAL B 304 13.25 8.16 -5.00
N GLY B 305 12.08 7.78 -5.50
CA GLY B 305 11.88 7.55 -6.93
C GLY B 305 10.43 7.63 -7.35
N ARG B 306 10.13 7.01 -8.49
CA ARG B 306 8.82 7.09 -9.17
C ARG B 306 8.38 8.56 -9.34
N ILE B 307 9.35 9.47 -9.46
CA ILE B 307 9.08 10.91 -9.45
C ILE B 307 8.45 11.22 -10.82
N ARG B 308 7.26 11.79 -10.80
CA ARG B 308 6.56 12.07 -12.05
C ARG B 308 5.51 13.12 -11.81
N LYS B 309 5.16 13.88 -12.85
CA LYS B 309 4.14 14.92 -12.63
C LYS B 309 2.75 14.33 -12.68
N ASP B 310 1.84 14.98 -11.99
CA ASP B 310 0.44 14.65 -12.09
C ASP B 310 -0.07 14.76 -13.55
N LEU B 311 -0.98 13.88 -13.94
CA LEU B 311 -1.49 13.90 -15.33
C LEU B 311 -2.37 15.11 -15.63
N ASP B 312 -2.84 15.82 -14.60
CA ASP B 312 -3.76 16.96 -14.77
C ASP B 312 -3.40 18.24 -14.02
N ALA B 313 -3.01 18.12 -12.76
CA ALA B 313 -2.64 19.25 -11.94
C ALA B 313 -1.27 19.76 -12.34
N GLU B 314 -1.23 21.04 -12.70
CA GLU B 314 -0.04 21.66 -13.27
C GLU B 314 1.16 21.59 -12.30
N LYS B 315 0.88 21.78 -11.02
CA LYS B 315 1.91 21.83 -10.02
C LYS B 315 1.97 20.55 -9.17
N GLY B 316 1.26 19.51 -9.62
CA GLY B 316 1.15 18.26 -8.86
C GLY B 316 2.31 17.34 -9.19
N ILE B 317 2.83 16.66 -8.19
CA ILE B 317 3.94 15.73 -8.37
C ILE B 317 3.75 14.50 -7.48
N HIS B 318 3.96 13.30 -8.05
CA HIS B 318 3.92 12.04 -7.29
C HIS B 318 5.32 11.46 -7.11
N MET B 319 5.54 10.78 -5.99
CA MET B 319 6.81 10.08 -5.76
C MET B 319 6.64 8.93 -4.76
N TRP B 320 7.70 8.13 -4.66
CA TRP B 320 7.77 6.95 -3.81
C TRP B 320 9.00 7.11 -2.93
N VAL B 321 8.83 7.04 -1.61
CA VAL B 321 9.89 7.32 -0.66
C VAL B 321 10.04 6.16 0.33
N VAL B 322 11.25 5.64 0.45
CA VAL B 322 11.53 4.45 1.27
C VAL B 322 12.73 4.70 2.20
N SER B 323 12.57 4.33 3.46
CA SER B 323 13.69 4.36 4.38
C SER B 323 13.51 3.36 5.52
N ASP B 324 14.64 2.86 6.03
CA ASP B 324 14.64 1.98 7.23
C ASP B 324 14.04 2.76 8.42
N ASN B 325 12.90 2.30 8.93
CA ASN B 325 12.15 3.02 9.97
C ASN B 325 12.80 3.00 11.36
N LEU B 326 13.71 2.07 11.59
CA LEU B 326 14.43 2.02 12.87
C LEU B 326 15.74 2.82 12.82
N LEU B 327 16.20 3.13 11.60
CA LEU B 327 17.41 3.93 11.44
C LEU B 327 17.01 5.38 11.25
N LYS B 328 16.97 5.87 10.01
CA LYS B 328 16.62 7.27 9.80
C LYS B 328 15.29 7.58 10.47
N GLY B 329 14.34 6.63 10.43
CA GLY B 329 13.06 6.82 11.09
C GLY B 329 13.09 6.98 12.61
N ALA B 330 14.16 6.54 13.27
CA ALA B 330 14.27 6.65 14.76
C ALA B 330 15.70 6.78 15.33
N ALA B 331 16.43 5.67 15.38
CA ALA B 331 17.71 5.61 16.07
C ALA B 331 18.77 6.47 15.44
N TRP B 332 18.85 6.44 14.11
CA TRP B 332 19.85 7.25 13.41
C TRP B 332 19.49 8.73 13.51
N ASN B 333 18.22 9.07 13.36
CA ASN B 333 17.86 10.46 13.56
C ASN B 333 18.29 10.94 14.94
N SER B 334 18.02 10.15 15.97
CA SER B 334 18.37 10.51 17.33
C SER B 334 19.87 10.71 17.54
N VAL B 335 20.67 9.76 17.08
CA VAL B 335 22.12 9.82 17.22
C VAL B 335 22.70 10.96 16.40
N GLN B 336 22.12 11.18 15.23
CA GLN B 336 22.47 12.34 14.41
C GLN B 336 22.19 13.67 15.14
N ILE B 337 21.06 13.75 15.85
CA ILE B 337 20.78 14.89 16.73
C ILE B 337 21.87 15.06 17.81
N ALA B 338 22.22 13.97 18.49
CA ALA B 338 23.27 14.02 19.54
C ALA B 338 24.64 14.45 18.98
N GLU B 339 25.02 13.89 17.85
CA GLU B 339 26.22 14.34 17.14
C GLU B 339 26.14 15.82 16.78
N THR B 340 24.97 16.28 16.37
CA THR B 340 24.82 17.68 15.93
C THR B 340 24.98 18.58 17.16
N LEU B 341 24.41 18.15 18.28
CA LEU B 341 24.52 18.90 19.54
C LEU B 341 25.98 19.00 20.01
N HIS B 342 26.69 17.88 19.97
CA HIS B 342 28.14 17.86 20.24
C HIS B 342 28.90 18.84 19.36
N GLU B 343 28.73 18.71 18.05
CA GLU B 343 29.46 19.52 17.08
C GLU B 343 29.16 21.01 17.22
N ARG B 344 27.94 21.35 17.59
CA ARG B 344 27.55 22.75 17.73
C ARG B 344 27.67 23.27 19.17
N GLY B 345 28.28 22.47 20.05
CA GLY B 345 28.54 22.83 21.44
C GLY B 345 27.30 23.16 22.22
N LEU B 346 26.26 22.34 22.07
CA LEU B 346 24.98 22.55 22.75
C LEU B 346 24.71 21.52 23.85
N VAL B 347 25.69 20.65 24.13
CA VAL B 347 25.56 19.68 25.21
C VAL B 347 26.08 20.29 26.54
N ARG B 348 25.21 21.01 27.25
CA ARG B 348 25.57 21.66 28.51
C ARG B 348 24.41 21.79 29.50
#